data_6ZYF
#
_entry.id   6ZYF
#
_cell.length_a   75.418
_cell.length_b   184.072
_cell.length_c   61.811
_cell.angle_alpha   90.000
_cell.angle_beta   90.000
_cell.angle_gamma   90.000
#
_symmetry.space_group_name_H-M   'P 21 21 2'
#
loop_
_entity.id
_entity.type
_entity.pdbx_description
1 polymer 'Palmitoleoyl-protein carboxylesterase NOTUM'
2 non-polymer 2-acetamido-2-deoxy-beta-D-glucopyranose
3 non-polymer '[(2~{S})-2-azanyl-3-oxidanylidene-propyl] octanoate'
4 non-polymer 1,2-ETHANEDIOL
5 water water
#
_entity_poly.entity_id   1
_entity_poly.type   'polypeptide(L)'
_entity_poly.pdbx_seq_one_letter_code
;ETGSAQQLNEDLRLHLLLNTSVTCNDGSPAGYYLKESRGSRRWLLFLEGGWYCFNRENCDSRYDTMRRLMSSRDWPRTRT
GTGILSSQPEENPYWWNANMVFIPYCSSDVWSGASSKSEKNEYAFMGALIIQEVVRELLGRGLSGAKVLLLAGSAAGGTG
VLLNVDRVAEQLEKLGYPAIQVRGLADSGWFLDNKQYRHTDCVDTITCAPTEAIRRGIRYWNGVVPERCRRQFQEGEEWN
CFFGYKVYPTLRSPVFVVQWLFDEAQLTVDNVHLTGQPVQEGLRLYIQNLGRELRHTLKDVPASFAPACLSHEIIIRSHW
TDVQVKGTSLPRALHCWDRSLHDSHKASKTPLKGCPVHLVDSCPWPHCNPSCPTGTKHHHHHH
;
_entity_poly.pdbx_strand_id   A,B
#
loop_
_chem_comp.id
_chem_comp.type
_chem_comp.name
_chem_comp.formula
EDO non-polymer 1,2-ETHANEDIOL 'C2 H6 O2'
K4Q non-polymer '[(2~{S})-2-azanyl-3-oxidanylidene-propyl] octanoate' 'C11 H21 N O3'
NAG D-saccharide, beta linking 2-acetamido-2-deoxy-beta-D-glucopyranose 'C8 H15 N O6'
#
# COMPACT_ATOMS: atom_id res chain seq x y z
N ASN A 9 -11.94 12.72 4.83
CA ASN A 9 -12.23 13.92 4.06
C ASN A 9 -13.36 13.61 3.07
N GLU A 10 -13.09 13.84 1.78
CA GLU A 10 -14.01 13.47 0.70
C GLU A 10 -13.72 12.07 0.17
N ASP A 11 -12.87 11.30 0.83
CA ASP A 11 -12.38 10.06 0.29
C ASP A 11 -13.43 8.95 0.38
N LEU A 12 -13.27 7.95 -0.49
CA LEU A 12 -14.08 6.75 -0.43
C LEU A 12 -13.48 5.80 0.59
N ARG A 13 -14.34 5.14 1.37
CA ARG A 13 -13.90 4.29 2.46
C ARG A 13 -14.11 2.82 2.10
N LEU A 14 -13.13 2.00 2.47
CA LEU A 14 -13.12 0.60 2.08
C LEU A 14 -14.14 -0.20 2.88
N HIS A 15 -14.88 -1.07 2.18
CA HIS A 15 -15.75 -2.06 2.80
C HIS A 15 -15.43 -3.42 2.22
N LEU A 16 -15.19 -4.39 3.09
CA LEU A 16 -14.97 -5.77 2.66
C LEU A 16 -16.29 -6.51 2.61
N LEU A 17 -16.43 -7.40 1.63
CA LEU A 17 -17.70 -8.10 1.44
C LEU A 17 -18.05 -8.95 2.65
N LEU A 18 -19.31 -8.91 3.05
CA LEU A 18 -19.76 -9.69 4.20
C LEU A 18 -19.73 -11.18 3.89
N ASN A 19 -20.23 -11.56 2.71
CA ASN A 19 -20.14 -12.95 2.26
C ASN A 19 -18.69 -13.25 1.93
N THR A 20 -18.00 -13.92 2.86
CA THR A 20 -16.58 -14.21 2.71
C THR A 20 -16.30 -15.37 1.75
N SER A 21 -17.34 -15.95 1.14
CA SER A 21 -17.13 -16.95 0.10
C SER A 21 -16.87 -16.34 -1.26
N VAL A 22 -17.12 -15.04 -1.43
CA VAL A 22 -16.81 -14.32 -2.66
C VAL A 22 -15.50 -13.59 -2.41
N THR A 23 -14.43 -14.03 -3.07
CA THR A 23 -13.08 -13.64 -2.71
C THR A 23 -12.30 -13.17 -3.94
N CYS A 24 -11.12 -12.63 -3.67
CA CYS A 24 -10.15 -12.34 -4.72
C CYS A 24 -9.51 -13.64 -5.18
N ASN A 25 -8.48 -13.54 -6.03
CA ASN A 25 -7.83 -14.72 -6.58
C ASN A 25 -7.25 -15.62 -5.49
N ASP A 26 -6.60 -15.02 -4.48
CA ASP A 26 -5.89 -15.78 -3.46
C ASP A 26 -6.76 -16.14 -2.27
N GLY A 27 -8.07 -15.89 -2.33
CA GLY A 27 -8.96 -16.21 -1.25
C GLY A 27 -9.20 -15.11 -0.25
N SER A 28 -8.46 -14.01 -0.32
CA SER A 28 -8.74 -12.88 0.55
C SER A 28 -10.07 -12.24 0.15
N PRO A 29 -10.77 -11.61 1.09
CA PRO A 29 -12.08 -11.06 0.77
C PRO A 29 -12.00 -9.92 -0.24
N ALA A 30 -12.97 -9.90 -1.15
CA ALA A 30 -13.10 -8.79 -2.07
C ALA A 30 -13.82 -7.63 -1.38
N GLY A 31 -13.94 -6.51 -2.06
CA GLY A 31 -14.52 -5.35 -1.42
C GLY A 31 -14.78 -4.22 -2.40
N TYR A 32 -15.07 -3.06 -1.84
CA TYR A 32 -15.42 -1.89 -2.62
C TYR A 32 -15.24 -0.64 -1.76
N TYR A 33 -14.97 0.48 -2.42
CA TYR A 33 -14.87 1.78 -1.77
C TYR A 33 -16.14 2.57 -2.03
N LEU A 34 -16.61 3.29 -1.01
CA LEU A 34 -17.88 4.00 -1.10
C LEU A 34 -17.75 5.39 -0.50
N LYS A 35 -18.29 6.38 -1.21
CA LYS A 35 -18.48 7.73 -0.68
C LYS A 35 -19.94 8.11 -0.89
N GLU A 36 -20.69 8.21 0.21
CA GLU A 36 -22.12 8.48 0.12
C GLU A 36 -22.37 9.96 -0.08
N SER A 37 -23.47 10.26 -0.79
CA SER A 37 -23.95 11.62 -0.99
C SER A 37 -25.47 11.58 -0.87
N ARG A 38 -25.99 11.97 0.29
CA ARG A 38 -27.39 11.70 0.62
C ARG A 38 -28.35 12.47 -0.28
N GLY A 39 -27.97 13.66 -0.73
CA GLY A 39 -28.89 14.46 -1.53
C GLY A 39 -29.06 14.00 -2.96
N SER A 40 -28.11 13.22 -3.49
CA SER A 40 -28.15 12.78 -4.87
C SER A 40 -28.75 11.39 -4.96
N ARG A 41 -29.49 11.14 -6.05
CA ARG A 41 -29.98 9.80 -6.37
C ARG A 41 -29.23 9.20 -7.55
N ARG A 42 -28.03 9.71 -7.84
CA ARG A 42 -27.18 9.18 -8.89
C ARG A 42 -26.02 8.43 -8.28
N TRP A 43 -25.66 7.30 -8.89
CA TRP A 43 -24.67 6.38 -8.36
C TRP A 43 -23.68 6.04 -9.47
N LEU A 44 -22.39 6.07 -9.13
CA LEU A 44 -21.32 5.78 -10.08
C LEU A 44 -20.54 4.59 -9.55
N LEU A 45 -20.61 3.46 -10.27
CA LEU A 45 -19.92 2.23 -9.91
C LEU A 45 -18.83 1.98 -10.95
N PHE A 46 -17.57 2.04 -10.54
CA PHE A 46 -16.44 1.95 -11.45
C PHE A 46 -15.76 0.59 -11.31
N LEU A 47 -15.48 -0.05 -12.44
CA LEU A 47 -14.76 -1.31 -12.50
C LEU A 47 -13.32 -1.07 -12.94
N GLU A 48 -12.38 -1.43 -12.08
CA GLU A 48 -10.96 -1.25 -12.38
C GLU A 48 -10.48 -2.28 -13.39
N GLY A 49 -9.42 -1.93 -14.13
CA GLY A 49 -8.83 -2.81 -15.10
C GLY A 49 -7.51 -3.38 -14.63
N GLY A 50 -6.74 -3.93 -15.58
CA GLY A 50 -5.45 -4.51 -15.26
C GLY A 50 -5.19 -5.88 -15.85
N TRP A 51 -5.47 -6.03 -17.14
CA TRP A 51 -5.13 -7.24 -17.93
C TRP A 51 -5.82 -8.45 -17.29
N TYR A 52 -5.14 -9.60 -17.24
CA TYR A 52 -5.74 -10.88 -16.89
C TYR A 52 -4.67 -11.96 -16.87
N CYS A 53 -5.04 -13.19 -16.53
CA CYS A 53 -4.15 -14.34 -16.65
C CYS A 53 -5.00 -15.58 -16.93
N PHE A 54 -4.58 -16.37 -17.92
CA PHE A 54 -5.43 -17.45 -18.43
C PHE A 54 -4.83 -18.84 -18.24
N ASN A 55 -3.83 -18.99 -17.37
CA ASN A 55 -3.36 -20.32 -16.97
C ASN A 55 -2.57 -20.20 -15.68
N ARG A 56 -2.22 -21.36 -15.11
CA ARG A 56 -1.57 -21.39 -13.81
C ARG A 56 -0.21 -20.70 -13.84
N GLU A 57 0.56 -20.90 -14.91
CA GLU A 57 1.92 -20.37 -14.94
C GLU A 57 1.93 -18.85 -15.05
N ASN A 58 0.98 -18.28 -15.78
CA ASN A 58 0.89 -16.83 -15.88
C ASN A 58 0.30 -16.23 -14.62
N CYS A 59 -0.69 -16.89 -14.02
CA CYS A 59 -1.28 -16.38 -12.78
C CYS A 59 -0.30 -16.45 -11.62
N ASP A 60 0.56 -17.48 -11.59
CA ASP A 60 1.62 -17.52 -10.59
C ASP A 60 2.64 -16.40 -10.81
N SER A 61 3.01 -16.15 -12.06
CA SER A 61 3.93 -15.06 -12.37
C SER A 61 3.27 -13.70 -12.09
N ARG A 62 1.97 -13.60 -12.36
CA ARG A 62 1.23 -12.38 -12.05
C ARG A 62 1.18 -12.15 -10.54
N TYR A 63 1.08 -13.23 -9.76
CA TYR A 63 1.02 -13.11 -8.30
C TYR A 63 2.33 -12.64 -7.70
N ASP A 64 3.47 -12.86 -8.37
CA ASP A 64 4.76 -12.46 -7.84
C ASP A 64 5.14 -11.04 -8.21
N THR A 65 4.69 -10.55 -9.36
CA THR A 65 5.06 -9.22 -9.83
C THR A 65 4.00 -8.16 -9.59
N MET A 66 2.71 -8.54 -9.62
CA MET A 66 1.60 -7.61 -9.44
C MET A 66 0.61 -8.24 -8.47
N ARG A 67 0.97 -8.20 -7.18
CA ARG A 67 0.15 -8.86 -6.15
C ARG A 67 -1.15 -8.11 -5.90
N ARG A 68 -1.15 -6.78 -6.08
CA ARG A 68 -2.35 -5.98 -5.84
C ARG A 68 -3.54 -6.47 -6.66
N LEU A 69 -3.29 -7.00 -7.85
CA LEU A 69 -4.34 -7.39 -8.77
C LEU A 69 -4.89 -8.80 -8.52
N MET A 70 -4.39 -9.48 -7.48
CA MET A 70 -4.86 -10.83 -7.15
C MET A 70 -5.16 -10.99 -5.68
N SER A 71 -5.17 -9.89 -4.91
CA SER A 71 -5.33 -9.98 -3.47
C SER A 71 -5.78 -8.62 -2.93
N SER A 72 -6.41 -8.66 -1.76
CA SER A 72 -6.83 -7.45 -1.06
C SER A 72 -6.00 -7.19 0.18
N ARG A 73 -4.92 -7.97 0.38
CA ARG A 73 -4.12 -7.86 1.59
C ARG A 73 -3.43 -6.52 1.74
N ASP A 74 -3.21 -5.80 0.64
CA ASP A 74 -2.44 -4.56 0.66
C ASP A 74 -3.28 -3.34 0.29
N TRP A 75 -4.60 -3.45 0.27
CA TRP A 75 -5.45 -2.32 -0.07
C TRP A 75 -5.38 -1.25 1.02
N PRO A 76 -5.32 0.02 0.65
CA PRO A 76 -5.43 1.09 1.65
C PRO A 76 -6.86 1.24 2.13
N ARG A 77 -7.01 1.86 3.30
CA ARG A 77 -8.33 1.96 3.91
C ARG A 77 -9.19 3.05 3.26
N THR A 78 -8.58 4.03 2.62
CA THR A 78 -9.31 5.08 1.92
C THR A 78 -8.68 5.30 0.55
N ARG A 79 -9.44 5.93 -0.33
CA ARG A 79 -8.95 6.28 -1.66
C ARG A 79 -9.60 7.59 -2.10
N THR A 80 -8.88 8.34 -2.91
CA THR A 80 -9.36 9.61 -3.44
C THR A 80 -9.93 9.39 -4.84
N GLY A 81 -11.16 9.85 -5.05
CA GLY A 81 -11.76 9.76 -6.37
C GLY A 81 -11.08 10.71 -7.34
N THR A 82 -10.90 10.25 -8.58
CA THR A 82 -10.30 11.05 -9.63
C THR A 82 -11.16 10.97 -10.87
N GLY A 83 -11.02 11.99 -11.72
CA GLY A 83 -11.80 12.03 -12.96
C GLY A 83 -13.28 12.04 -12.67
N ILE A 84 -14.01 11.10 -13.29
CA ILE A 84 -15.44 10.99 -13.09
C ILE A 84 -15.81 10.52 -11.69
N LEU A 85 -14.83 10.05 -10.92
CA LEU A 85 -15.03 9.70 -9.52
C LEU A 85 -14.69 10.84 -8.56
N SER A 86 -14.15 11.94 -9.08
CA SER A 86 -13.78 13.06 -8.22
C SER A 86 -15.01 13.83 -7.76
N SER A 87 -14.94 14.35 -6.55
CA SER A 87 -15.99 15.18 -5.97
C SER A 87 -15.68 16.66 -6.08
N GLN A 88 -14.63 17.03 -6.80
CA GLN A 88 -14.29 18.42 -7.00
C GLN A 88 -15.00 18.94 -8.25
N PRO A 89 -15.86 19.95 -8.13
CA PRO A 89 -16.59 20.45 -9.32
C PRO A 89 -15.68 20.81 -10.49
N GLU A 90 -14.49 21.35 -10.20
CA GLU A 90 -13.59 21.72 -11.29
C GLU A 90 -13.10 20.51 -12.06
N GLU A 91 -13.05 19.35 -11.42
CA GLU A 91 -12.57 18.12 -12.05
C GLU A 91 -13.71 17.25 -12.58
N ASN A 92 -14.93 17.44 -12.08
CA ASN A 92 -16.09 16.63 -12.47
C ASN A 92 -17.31 17.55 -12.48
N PRO A 93 -17.42 18.41 -13.49
CA PRO A 93 -18.37 19.54 -13.41
C PRO A 93 -19.83 19.11 -13.33
N TYR A 94 -20.20 17.96 -13.90
CA TYR A 94 -21.61 17.57 -13.95
C TYR A 94 -22.01 16.57 -12.88
N TRP A 95 -21.10 15.70 -12.44
CA TRP A 95 -21.47 14.60 -11.56
C TRP A 95 -20.64 14.55 -10.28
N TRP A 96 -20.07 15.68 -9.85
CA TRP A 96 -19.22 15.69 -8.66
C TRP A 96 -19.98 15.31 -7.39
N ASN A 97 -21.30 15.51 -7.35
CA ASN A 97 -22.08 15.29 -6.14
C ASN A 97 -22.70 13.91 -6.06
N ALA A 98 -22.33 12.99 -6.96
CA ALA A 98 -22.96 11.68 -6.99
C ALA A 98 -22.32 10.74 -5.97
N ASN A 99 -23.04 9.67 -5.64
CA ASN A 99 -22.48 8.60 -4.84
C ASN A 99 -21.44 7.85 -5.65
N MET A 100 -20.23 7.72 -5.09
CA MET A 100 -19.09 7.17 -5.81
C MET A 100 -18.74 5.80 -5.23
N VAL A 101 -18.58 4.82 -6.12
CA VAL A 101 -18.18 3.46 -5.74
C VAL A 101 -17.02 3.03 -6.63
N PHE A 102 -15.97 2.49 -6.03
CA PHE A 102 -14.80 1.99 -6.73
C PHE A 102 -14.58 0.54 -6.35
N ILE A 103 -14.63 -0.36 -7.33
CA ILE A 103 -14.51 -1.79 -7.10
C ILE A 103 -13.14 -2.23 -7.62
N PRO A 104 -12.20 -2.59 -6.76
CA PRO A 104 -10.87 -2.98 -7.24
C PRO A 104 -10.90 -4.29 -8.01
N TYR A 105 -9.98 -4.41 -8.96
CA TYR A 105 -9.89 -5.57 -9.84
C TYR A 105 -8.92 -6.58 -9.23
N CYS A 106 -9.45 -7.67 -8.68
CA CYS A 106 -8.62 -8.69 -8.05
C CYS A 106 -9.02 -10.09 -8.45
N SER A 107 -9.67 -10.25 -9.62
CA SER A 107 -10.08 -11.56 -10.09
C SER A 107 -9.42 -12.00 -11.39
N SER A 108 -8.78 -11.07 -12.11
CA SER A 108 -7.97 -11.39 -13.29
C SER A 108 -8.76 -12.14 -14.37
N ASP A 109 -10.07 -11.90 -14.43
CA ASP A 109 -10.96 -12.66 -15.30
C ASP A 109 -11.82 -11.77 -16.19
N VAL A 110 -11.44 -10.50 -16.35
CA VAL A 110 -12.19 -9.51 -17.11
C VAL A 110 -13.62 -9.45 -16.56
N TRP A 111 -13.75 -9.63 -15.24
CA TRP A 111 -15.04 -9.55 -14.54
C TRP A 111 -16.05 -10.57 -15.06
N SER A 112 -15.57 -11.71 -15.58
CA SER A 112 -16.45 -12.73 -16.12
C SER A 112 -16.57 -13.97 -15.25
N GLY A 113 -15.68 -14.17 -14.30
CA GLY A 113 -15.63 -15.41 -13.56
C GLY A 113 -16.82 -15.59 -12.62
N ALA A 114 -17.29 -16.83 -12.54
CA ALA A 114 -18.38 -17.22 -11.65
C ALA A 114 -18.00 -18.55 -11.02
N SER A 115 -18.93 -19.12 -10.23
CA SER A 115 -18.75 -20.43 -9.61
C SER A 115 -17.62 -20.43 -8.58
N SER A 116 -17.54 -21.49 -7.78
CA SER A 116 -16.58 -21.58 -6.69
C SER A 116 -15.39 -22.46 -7.09
N LYS A 117 -14.42 -22.53 -6.18
CA LYS A 117 -13.13 -23.14 -6.45
C LYS A 117 -12.98 -24.44 -5.67
N SER A 118 -12.05 -25.29 -6.15
CA SER A 118 -11.80 -26.62 -5.60
C SER A 118 -10.85 -26.62 -4.41
N GLU A 119 -9.56 -26.90 -4.67
CA GLU A 119 -8.57 -27.15 -3.62
C GLU A 119 -8.55 -26.07 -2.53
N GLU A 122 -6.60 -24.12 -8.00
CA GLU A 122 -5.69 -23.20 -7.31
C GLU A 122 -6.34 -21.84 -7.03
N TYR A 123 -6.31 -20.96 -8.03
CA TYR A 123 -6.91 -19.64 -7.90
C TYR A 123 -8.42 -19.69 -8.07
N ALA A 124 -9.09 -18.69 -7.49
CA ALA A 124 -10.53 -18.49 -7.63
C ALA A 124 -10.81 -17.31 -8.55
N PHE A 125 -11.84 -17.45 -9.38
CA PHE A 125 -12.21 -16.42 -10.37
C PHE A 125 -13.69 -16.11 -10.22
N MET A 126 -13.99 -15.01 -9.52
CA MET A 126 -15.35 -14.70 -9.10
C MET A 126 -15.73 -13.27 -9.46
N GLY A 127 -15.24 -12.77 -10.60
CA GLY A 127 -15.46 -11.37 -10.94
C GLY A 127 -16.92 -11.00 -11.10
N ALA A 128 -17.70 -11.87 -11.75
CA ALA A 128 -19.12 -11.58 -11.93
C ALA A 128 -19.88 -11.67 -10.61
N LEU A 129 -19.44 -12.53 -9.70
CA LEU A 129 -20.08 -12.64 -8.40
C LEU A 129 -19.68 -11.49 -7.47
N ILE A 130 -18.51 -10.89 -7.69
CA ILE A 130 -18.12 -9.73 -6.90
C ILE A 130 -19.04 -8.54 -7.20
N ILE A 131 -19.30 -8.31 -8.48
CA ILE A 131 -20.23 -7.24 -8.88
C ILE A 131 -21.60 -7.48 -8.28
N GLN A 132 -22.12 -8.71 -8.40
CA GLN A 132 -23.43 -9.03 -7.86
C GLN A 132 -23.51 -8.76 -6.36
N GLU A 133 -22.45 -9.08 -5.63
CA GLU A 133 -22.50 -8.94 -4.17
C GLU A 133 -22.39 -7.47 -3.75
N VAL A 134 -21.65 -6.66 -4.51
CA VAL A 134 -21.57 -5.23 -4.22
C VAL A 134 -22.94 -4.58 -4.39
N VAL A 135 -23.63 -4.90 -5.49
CA VAL A 135 -24.97 -4.37 -5.72
C VAL A 135 -25.89 -4.73 -4.56
N ARG A 136 -25.81 -5.98 -4.08
CA ARG A 136 -26.64 -6.41 -2.97
C ARG A 136 -26.41 -5.55 -1.73
N GLU A 137 -25.14 -5.35 -1.36
CA GLU A 137 -24.83 -4.60 -0.15
C GLU A 137 -25.15 -3.12 -0.30
N LEU A 138 -24.96 -2.56 -1.49
CA LEU A 138 -25.22 -1.14 -1.68
C LEU A 138 -26.70 -0.81 -1.55
N LEU A 139 -27.59 -1.77 -1.78
CA LEU A 139 -29.01 -1.53 -1.57
C LEU A 139 -29.30 -1.14 -0.13
N GLY A 140 -28.58 -1.74 0.82
CA GLY A 140 -28.72 -1.37 2.22
C GLY A 140 -28.04 -0.08 2.61
N ARG A 141 -27.24 0.51 1.71
CA ARG A 141 -26.54 1.76 1.98
C ARG A 141 -27.04 2.92 1.13
N GLY A 142 -28.27 2.85 0.65
CA GLY A 142 -28.89 3.94 -0.08
C GLY A 142 -29.16 3.70 -1.54
N LEU A 143 -28.59 2.65 -2.14
CA LEU A 143 -28.84 2.38 -3.55
C LEU A 143 -30.30 2.05 -3.83
N SER A 144 -31.04 1.58 -2.81
CA SER A 144 -32.45 1.25 -3.00
C SER A 144 -33.29 2.45 -3.40
N GLY A 145 -32.82 3.66 -3.11
CA GLY A 145 -33.51 4.87 -3.50
C GLY A 145 -32.98 5.55 -4.74
N ALA A 146 -32.05 4.91 -5.46
CA ALA A 146 -31.39 5.54 -6.59
C ALA A 146 -32.36 5.72 -7.76
N LYS A 147 -32.09 6.74 -8.57
CA LYS A 147 -32.78 6.94 -9.85
C LYS A 147 -31.95 6.45 -11.04
N VAL A 148 -30.64 6.62 -10.99
CA VAL A 148 -29.74 6.23 -12.07
C VAL A 148 -28.56 5.49 -11.49
N LEU A 149 -28.24 4.33 -12.06
CA LEU A 149 -27.04 3.57 -11.72
C LEU A 149 -26.19 3.47 -12.99
N LEU A 150 -25.04 4.15 -13.00
CA LEU A 150 -24.12 4.14 -14.13
C LEU A 150 -22.96 3.20 -13.81
N LEU A 151 -22.91 2.07 -14.51
CA LEU A 151 -21.80 1.12 -14.38
C LEU A 151 -20.71 1.51 -15.37
N ALA A 152 -19.56 1.94 -14.85
CA ALA A 152 -18.45 2.40 -15.67
C ALA A 152 -17.22 1.55 -15.40
N GLY A 153 -16.25 1.65 -16.31
CA GLY A 153 -15.01 0.91 -16.14
C GLY A 153 -14.02 1.27 -17.23
N SER A 154 -12.75 1.00 -16.94
CA SER A 154 -11.65 1.31 -17.84
C SER A 154 -10.86 0.03 -18.16
N ALA A 155 -10.48 -0.10 -19.43
CA ALA A 155 -9.63 -1.20 -19.92
C ALA A 155 -10.35 -2.51 -19.65
N ALA A 156 -9.77 -3.44 -18.89
CA ALA A 156 -10.47 -4.68 -18.57
C ALA A 156 -11.80 -4.41 -17.88
N GLY A 157 -11.88 -3.33 -17.10
CA GLY A 157 -13.15 -2.94 -16.51
C GLY A 157 -14.15 -2.44 -17.54
N GLY A 158 -13.65 -1.84 -18.63
CA GLY A 158 -14.54 -1.44 -19.70
C GLY A 158 -15.17 -2.62 -20.41
N THR A 159 -14.38 -3.65 -20.70
CA THR A 159 -14.94 -4.89 -21.22
C THR A 159 -15.86 -5.55 -20.21
N GLY A 160 -15.54 -5.41 -18.91
CA GLY A 160 -16.41 -5.96 -17.88
C GLY A 160 -17.77 -5.28 -17.81
N VAL A 161 -17.84 -4.01 -18.22
CA VAL A 161 -19.13 -3.31 -18.27
C VAL A 161 -20.03 -3.95 -19.31
N LEU A 162 -19.49 -4.22 -20.50
CA LEU A 162 -20.28 -4.84 -21.57
C LEU A 162 -20.77 -6.23 -21.15
N LEU A 163 -20.01 -6.94 -20.33
CA LEU A 163 -20.39 -8.28 -19.92
C LEU A 163 -21.41 -8.30 -18.78
N ASN A 164 -21.52 -7.22 -17.99
CA ASN A 164 -22.27 -7.25 -16.75
C ASN A 164 -23.41 -6.24 -16.65
N VAL A 165 -23.52 -5.30 -17.59
CA VAL A 165 -24.49 -4.21 -17.42
C VAL A 165 -25.92 -4.74 -17.43
N ASP A 166 -26.23 -5.69 -18.32
CA ASP A 166 -27.57 -6.27 -18.37
C ASP A 166 -27.83 -7.25 -17.23
N ARG A 167 -26.78 -7.85 -16.66
CA ARG A 167 -26.97 -8.72 -15.50
C ARG A 167 -27.38 -7.91 -14.27
N VAL A 168 -26.80 -6.72 -14.10
CA VAL A 168 -27.19 -5.86 -12.99
C VAL A 168 -28.62 -5.37 -13.16
N ALA A 169 -28.99 -5.01 -14.38
CA ALA A 169 -30.36 -4.57 -14.66
C ALA A 169 -31.36 -5.66 -14.27
N GLU A 170 -31.12 -6.90 -14.69
CA GLU A 170 -32.03 -7.98 -14.36
C GLU A 170 -31.98 -8.32 -12.88
N GLN A 171 -30.81 -8.17 -12.25
CA GLN A 171 -30.71 -8.41 -10.82
C GLN A 171 -31.60 -7.45 -10.04
N LEU A 172 -31.56 -6.17 -10.38
CA LEU A 172 -32.34 -5.18 -9.64
C LEU A 172 -33.83 -5.32 -9.92
N GLU A 173 -34.21 -5.77 -11.12
CA GLU A 173 -35.61 -6.09 -11.37
C GLU A 173 -36.06 -7.27 -10.52
N LYS A 174 -35.27 -8.35 -10.53
CA LYS A 174 -35.61 -9.51 -9.71
C LYS A 174 -35.70 -9.15 -8.24
N LEU A 175 -34.83 -8.26 -7.78
CA LEU A 175 -34.84 -7.85 -6.38
C LEU A 175 -35.96 -6.87 -6.04
N GLY A 176 -36.71 -6.41 -7.05
CA GLY A 176 -37.85 -5.55 -6.80
C GLY A 176 -37.56 -4.06 -6.81
N TYR A 177 -36.63 -3.59 -7.64
CA TYR A 177 -36.31 -2.18 -7.76
C TYR A 177 -36.36 -1.76 -9.22
N PRO A 178 -37.56 -1.77 -9.84
CA PRO A 178 -37.64 -1.51 -11.29
C PRO A 178 -37.49 -0.06 -11.67
N ALA A 179 -37.45 0.87 -10.70
CA ALA A 179 -37.34 2.28 -11.03
C ALA A 179 -35.91 2.73 -11.29
N ILE A 180 -34.92 1.95 -10.84
CA ILE A 180 -33.52 2.31 -11.05
C ILE A 180 -33.15 2.10 -12.51
N GLN A 181 -32.72 3.18 -13.16
CA GLN A 181 -32.27 3.13 -14.55
C GLN A 181 -30.81 2.73 -14.59
N VAL A 182 -30.52 1.55 -15.13
CA VAL A 182 -29.16 1.03 -15.20
C VAL A 182 -28.57 1.41 -16.55
N ARG A 183 -27.34 1.94 -16.52
CA ARG A 183 -26.64 2.36 -17.74
C ARG A 183 -25.20 1.91 -17.66
N GLY A 184 -24.53 1.93 -18.81
CA GLY A 184 -23.16 1.46 -18.90
C GLY A 184 -22.26 2.50 -19.54
N LEU A 185 -21.01 2.53 -19.09
CA LEU A 185 -19.98 3.39 -19.65
C LEU A 185 -18.69 2.57 -19.77
N ALA A 186 -18.32 2.23 -21.01
CA ALA A 186 -17.17 1.37 -21.28
C ALA A 186 -16.05 2.22 -21.86
N ASP A 187 -14.92 2.26 -21.15
CA ASP A 187 -13.75 3.06 -21.55
C ASP A 187 -12.60 2.11 -21.85
N SER A 188 -12.07 2.19 -23.07
CA SER A 188 -10.90 1.41 -23.50
C SER A 188 -11.13 -0.08 -23.38
N GLY A 189 -12.38 -0.53 -23.56
CA GLY A 189 -12.70 -1.95 -23.49
C GLY A 189 -13.30 -2.46 -24.78
N TRP A 190 -13.12 -1.71 -25.87
CA TRP A 190 -13.70 -2.01 -27.18
C TRP A 190 -12.55 -2.45 -28.09
N PHE A 191 -12.36 -3.76 -28.20
CA PHE A 191 -11.21 -4.33 -28.89
C PHE A 191 -11.63 -5.09 -30.15
N LEU A 192 -10.65 -5.34 -31.00
CA LEU A 192 -10.83 -6.10 -32.24
C LEU A 192 -10.10 -7.44 -32.14
N ASP A 193 -10.77 -8.50 -32.61
CA ASP A 193 -10.16 -9.82 -32.69
C ASP A 193 -9.46 -9.99 -34.05
N ASN A 194 -8.44 -9.18 -34.25
CA ASN A 194 -7.80 -8.98 -35.53
C ASN A 194 -6.53 -9.81 -35.66
N LYS A 195 -5.73 -9.49 -36.68
CA LYS A 195 -4.48 -10.17 -36.96
C LYS A 195 -3.32 -9.41 -36.34
N GLN A 196 -2.37 -10.13 -35.77
CA GLN A 196 -1.20 -9.49 -35.18
C GLN A 196 -0.32 -8.89 -36.26
N TYR A 197 0.37 -7.79 -35.91
CA TYR A 197 1.36 -7.23 -36.82
C TYR A 197 2.45 -8.25 -37.12
N ARG A 198 3.05 -8.83 -36.08
CA ARG A 198 4.01 -9.92 -36.22
C ARG A 198 3.56 -11.05 -35.29
N HIS A 199 3.33 -12.22 -35.85
CA HIS A 199 2.79 -13.33 -35.08
C HIS A 199 3.80 -13.87 -34.08
N THR A 200 3.31 -14.13 -32.86
CA THR A 200 4.06 -14.83 -31.83
C THR A 200 3.19 -15.96 -31.30
N ASP A 201 3.80 -16.82 -30.48
CA ASP A 201 3.09 -17.91 -29.85
C ASP A 201 2.52 -17.45 -28.51
N CYS A 202 1.34 -17.99 -28.16
CA CYS A 202 0.63 -17.55 -26.97
C CYS A 202 1.34 -18.14 -25.76
N VAL A 203 2.37 -17.43 -25.31
CA VAL A 203 3.17 -17.82 -24.16
C VAL A 203 3.01 -16.83 -23.01
N ASP A 204 3.19 -15.54 -23.28
CA ASP A 204 3.00 -14.49 -22.29
C ASP A 204 1.60 -13.89 -22.45
N THR A 205 1.19 -13.15 -21.42
CA THR A 205 -0.16 -12.59 -21.40
C THR A 205 -0.31 -11.44 -22.38
N ILE A 206 0.46 -10.36 -22.19
CA ILE A 206 0.28 -9.14 -22.95
C ILE A 206 0.63 -9.26 -24.43
N THR A 207 1.23 -10.36 -24.87
CA THR A 207 1.58 -10.53 -26.28
C THR A 207 0.89 -11.70 -26.93
N CYS A 208 -0.14 -12.27 -26.30
CA CYS A 208 -0.93 -13.33 -26.92
C CYS A 208 -2.09 -12.72 -27.68
N ALA A 209 -2.36 -13.29 -28.87
CA ALA A 209 -3.37 -12.74 -29.75
C ALA A 209 -4.73 -12.68 -29.05
N PRO A 210 -5.56 -11.66 -29.34
CA PRO A 210 -6.79 -11.48 -28.56
C PRO A 210 -7.74 -12.65 -28.62
N THR A 211 -7.93 -13.25 -29.80
CA THR A 211 -8.85 -14.39 -29.92
C THR A 211 -8.39 -15.56 -29.07
N GLU A 212 -7.12 -15.95 -29.21
CA GLU A 212 -6.62 -17.11 -28.46
C GLU A 212 -6.59 -16.84 -26.96
N ALA A 213 -6.31 -15.60 -26.55
CA ALA A 213 -6.28 -15.28 -25.14
C ALA A 213 -7.64 -15.52 -24.49
N ILE A 214 -8.72 -15.08 -25.15
CA ILE A 214 -10.05 -15.23 -24.58
C ILE A 214 -10.54 -16.68 -24.69
N ARG A 215 -10.19 -17.40 -25.76
CA ARG A 215 -10.58 -18.81 -25.87
C ARG A 215 -10.03 -19.62 -24.71
N ARG A 216 -8.76 -19.43 -24.37
CA ARG A 216 -8.18 -20.11 -23.22
C ARG A 216 -8.76 -19.58 -21.92
N GLY A 217 -8.91 -18.26 -21.80
CA GLY A 217 -9.32 -17.67 -20.54
C GLY A 217 -10.71 -18.07 -20.10
N ILE A 218 -11.67 -18.03 -21.04
CA ILE A 218 -13.08 -18.26 -20.67
C ILE A 218 -13.27 -19.66 -20.09
N ARG A 219 -12.49 -20.64 -20.57
CA ARG A 219 -12.57 -21.98 -20.00
C ARG A 219 -11.84 -22.06 -18.66
N TYR A 220 -10.72 -21.36 -18.56
CA TYR A 220 -9.93 -21.38 -17.32
C TYR A 220 -10.61 -20.62 -16.19
N TRP A 221 -11.41 -19.60 -16.51
CA TRP A 221 -12.08 -18.79 -15.51
C TRP A 221 -13.48 -19.27 -15.17
N ASN A 222 -14.03 -20.22 -15.92
CA ASN A 222 -15.45 -20.53 -15.89
C ASN A 222 -16.28 -19.27 -16.15
N GLY A 223 -15.86 -18.52 -17.17
CA GLY A 223 -16.47 -17.23 -17.45
C GLY A 223 -17.83 -17.35 -18.12
N VAL A 224 -18.67 -16.35 -17.86
CA VAL A 224 -20.00 -16.28 -18.42
C VAL A 224 -20.13 -15.02 -19.25
N VAL A 225 -20.98 -15.08 -20.28
CA VAL A 225 -21.19 -13.97 -21.20
C VAL A 225 -22.68 -13.60 -21.17
N PRO A 226 -23.08 -12.46 -21.73
CA PRO A 226 -24.51 -12.13 -21.75
C PRO A 226 -25.32 -13.17 -22.50
N GLU A 227 -26.48 -13.51 -21.95
CA GLU A 227 -27.30 -14.58 -22.49
C GLU A 227 -27.74 -14.29 -23.92
N ARG A 228 -28.12 -13.05 -24.20
CA ARG A 228 -28.61 -12.69 -25.52
C ARG A 228 -27.50 -12.78 -26.56
N CYS A 229 -26.25 -12.56 -26.15
CA CYS A 229 -25.12 -12.73 -27.07
C CYS A 229 -24.75 -14.19 -27.23
N ARG A 230 -24.88 -14.98 -26.16
CA ARG A 230 -24.59 -16.42 -26.24
C ARG A 230 -25.51 -17.12 -27.24
N ARG A 231 -26.74 -16.61 -27.40
CA ARG A 231 -27.67 -17.21 -28.35
C ARG A 231 -27.21 -17.04 -29.79
N GLN A 232 -26.41 -16.01 -30.08
CA GLN A 232 -26.05 -15.70 -31.45
C GLN A 232 -24.88 -16.56 -31.97
N PHE A 233 -24.09 -17.15 -31.08
CA PHE A 233 -22.92 -17.91 -31.49
C PHE A 233 -23.04 -19.35 -31.02
N GLN A 234 -22.37 -20.24 -31.74
CA GLN A 234 -22.41 -21.67 -31.43
C GLN A 234 -21.89 -21.92 -30.01
N GLU A 235 -22.46 -22.93 -29.36
CA GLU A 235 -21.94 -23.39 -28.07
C GLU A 235 -20.48 -23.77 -28.22
N GLY A 236 -19.65 -23.27 -27.31
CA GLY A 236 -18.21 -23.43 -27.38
C GLY A 236 -17.49 -22.26 -28.03
N GLU A 237 -18.23 -21.33 -28.64
CA GLU A 237 -17.66 -20.14 -29.26
C GLU A 237 -18.06 -18.87 -28.50
N GLU A 238 -18.25 -18.99 -27.19
CA GLU A 238 -18.69 -17.86 -26.37
C GLU A 238 -17.65 -16.74 -26.32
N TRP A 239 -16.40 -17.00 -26.73
CA TRP A 239 -15.37 -15.97 -26.71
C TRP A 239 -15.76 -14.76 -27.55
N ASN A 240 -16.63 -14.95 -28.54
CA ASN A 240 -17.06 -13.83 -29.38
C ASN A 240 -17.67 -12.70 -28.57
N CYS A 241 -18.31 -13.01 -27.45
CA CYS A 241 -19.04 -12.01 -26.68
C CYS A 241 -18.14 -11.15 -25.80
N PHE A 242 -16.82 -11.39 -25.80
CA PHE A 242 -15.88 -10.52 -25.12
C PHE A 242 -15.50 -9.30 -25.96
N PHE A 243 -15.95 -9.23 -27.21
CA PHE A 243 -15.53 -8.20 -28.15
C PHE A 243 -16.69 -7.25 -28.42
N GLY A 244 -16.45 -5.96 -28.18
CA GLY A 244 -17.55 -5.00 -28.10
C GLY A 244 -18.46 -5.00 -29.30
N TYR A 245 -17.89 -5.00 -30.50
CA TYR A 245 -18.73 -4.87 -31.69
C TYR A 245 -19.58 -6.11 -31.95
N LYS A 246 -19.31 -7.22 -31.28
CA LYS A 246 -20.16 -8.41 -31.37
C LYS A 246 -21.18 -8.50 -30.25
N VAL A 247 -20.87 -7.98 -29.06
CA VAL A 247 -21.79 -8.04 -27.93
C VAL A 247 -22.73 -6.83 -27.90
N TYR A 248 -22.30 -5.69 -28.45
CA TYR A 248 -23.12 -4.47 -28.39
C TYR A 248 -24.49 -4.62 -29.02
N PRO A 249 -24.65 -5.19 -30.22
CA PRO A 249 -25.98 -5.19 -30.85
C PRO A 249 -27.06 -5.88 -30.04
N THR A 250 -26.70 -6.72 -29.08
CA THR A 250 -27.67 -7.47 -28.29
C THR A 250 -27.87 -6.90 -26.89
N LEU A 251 -27.18 -5.82 -26.54
CA LEU A 251 -27.37 -5.19 -25.23
C LEU A 251 -28.72 -4.49 -25.16
N ARG A 252 -29.29 -4.46 -23.95
CA ARG A 252 -30.57 -3.80 -23.71
C ARG A 252 -30.42 -2.49 -22.94
N SER A 253 -29.50 -2.42 -21.98
CA SER A 253 -29.22 -1.16 -21.31
C SER A 253 -28.51 -0.20 -22.25
N PRO A 254 -28.75 1.11 -22.13
CA PRO A 254 -27.98 2.08 -22.91
C PRO A 254 -26.53 2.14 -22.44
N VAL A 255 -25.61 2.19 -23.41
CA VAL A 255 -24.19 2.12 -23.13
C VAL A 255 -23.46 3.19 -23.94
N PHE A 256 -22.61 3.96 -23.27
CA PHE A 256 -21.76 4.94 -23.91
C PHE A 256 -20.36 4.34 -24.06
N VAL A 257 -19.80 4.45 -25.27
CA VAL A 257 -18.53 3.81 -25.60
C VAL A 257 -17.47 4.90 -25.76
N VAL A 258 -16.43 4.85 -24.93
CA VAL A 258 -15.26 5.71 -25.06
C VAL A 258 -14.08 4.85 -25.46
N GLN A 259 -13.39 5.23 -26.53
CA GLN A 259 -12.34 4.38 -27.09
C GLN A 259 -11.38 5.23 -27.91
N TRP A 260 -10.11 5.26 -27.51
CA TRP A 260 -9.07 5.78 -28.37
C TRP A 260 -9.01 4.95 -29.64
N LEU A 261 -8.97 5.62 -30.80
CA LEU A 261 -8.96 4.90 -32.07
C LEU A 261 -7.72 4.02 -32.22
N PHE A 262 -6.62 4.42 -31.60
CA PHE A 262 -5.37 3.66 -31.63
C PHE A 262 -5.02 3.30 -30.18
N ASP A 263 -5.73 2.33 -29.63
CA ASP A 263 -5.55 1.96 -28.24
C ASP A 263 -4.22 1.23 -28.05
N GLU A 264 -3.46 1.63 -27.02
CA GLU A 264 -2.12 1.06 -26.83
C GLU A 264 -2.18 -0.38 -26.33
N ALA A 265 -3.23 -0.75 -25.59
CA ALA A 265 -3.38 -2.14 -25.18
C ALA A 265 -3.74 -3.02 -26.37
N GLN A 266 -4.54 -2.47 -27.30
CA GLN A 266 -4.86 -3.19 -28.53
C GLN A 266 -3.60 -3.45 -29.35
N LEU A 267 -2.70 -2.46 -29.40
CA LEU A 267 -1.44 -2.65 -30.13
C LEU A 267 -0.52 -3.63 -29.41
N THR A 268 -0.62 -3.72 -28.09
CA THR A 268 0.23 -4.64 -27.34
C THR A 268 -0.11 -6.10 -27.66
N VAL A 269 -1.40 -6.44 -27.62
CA VAL A 269 -1.80 -7.80 -27.96
C VAL A 269 -1.60 -8.09 -29.44
N ASP A 270 -1.48 -7.06 -30.27
CA ASP A 270 -1.13 -7.21 -31.68
C ASP A 270 0.37 -7.31 -31.90
N ASN A 271 1.16 -7.39 -30.82
CA ASN A 271 2.61 -7.53 -30.90
C ASN A 271 3.25 -6.33 -31.61
N VAL A 272 2.78 -5.13 -31.26
CA VAL A 272 3.35 -3.88 -31.76
C VAL A 272 4.06 -3.21 -30.59
N HIS A 273 5.33 -2.91 -30.78
CA HIS A 273 6.16 -2.32 -29.73
C HIS A 273 6.74 -1.02 -30.25
N LEU A 274 6.28 0.10 -29.68
CA LEU A 274 6.66 1.43 -30.13
C LEU A 274 7.82 1.94 -29.27
N THR A 275 9.00 2.05 -29.89
CA THR A 275 10.16 2.61 -29.23
C THR A 275 10.23 4.10 -29.58
N GLY A 276 11.36 4.75 -29.37
CA GLY A 276 11.44 6.15 -29.71
C GLY A 276 12.00 6.34 -31.11
N GLN A 277 11.78 5.35 -31.96
CA GLN A 277 12.34 5.29 -33.30
C GLN A 277 11.39 5.93 -34.30
N PRO A 278 11.83 6.13 -35.55
CA PRO A 278 10.88 6.46 -36.62
C PRO A 278 10.19 5.22 -37.16
N VAL A 279 8.86 5.29 -37.28
CA VAL A 279 8.08 4.16 -37.74
C VAL A 279 8.26 3.99 -39.24
N GLN A 280 8.43 2.75 -39.68
CA GLN A 280 8.53 2.43 -41.09
C GLN A 280 7.15 2.25 -41.71
N GLU A 281 7.12 2.00 -43.02
CA GLU A 281 5.87 1.72 -43.70
C GLU A 281 5.49 0.25 -43.50
N GLY A 282 4.20 -0.02 -43.57
CA GLY A 282 3.65 -1.32 -43.28
C GLY A 282 3.26 -1.41 -41.81
N LEU A 283 4.09 -0.86 -40.93
CA LEU A 283 3.67 -0.67 -39.55
C LEU A 283 2.84 0.60 -39.42
N ARG A 284 3.25 1.66 -40.12
CA ARG A 284 2.40 2.84 -40.24
C ARG A 284 1.08 2.51 -40.91
N LEU A 285 1.13 1.70 -41.97
CA LEU A 285 -0.09 1.24 -42.62
C LEU A 285 -0.92 0.38 -41.67
N TYR A 286 -0.27 -0.54 -40.95
CA TYR A 286 -0.99 -1.39 -40.01
C TYR A 286 -1.71 -0.57 -38.96
N ILE A 287 -1.01 0.41 -38.36
CA ILE A 287 -1.63 1.26 -37.34
C ILE A 287 -2.77 2.07 -37.94
N GLN A 288 -2.56 2.56 -39.17
CA GLN A 288 -3.60 3.34 -39.84
C GLN A 288 -4.81 2.46 -40.15
N ASN A 289 -4.60 1.20 -40.51
CA ASN A 289 -5.72 0.33 -40.85
C ASN A 289 -6.52 -0.05 -39.61
N LEU A 290 -5.84 -0.11 -38.46
CA LEU A 290 -6.50 -0.40 -37.18
C LEU A 290 -7.55 0.65 -36.83
N GLY A 291 -7.17 1.93 -36.89
CA GLY A 291 -8.13 2.97 -36.58
C GLY A 291 -9.30 2.99 -37.54
N ARG A 292 -9.07 2.62 -38.80
CA ARG A 292 -10.21 2.61 -39.73
C ARG A 292 -11.20 1.49 -39.39
N GLU A 293 -10.69 0.30 -39.04
CA GLU A 293 -11.61 -0.79 -38.71
C GLU A 293 -12.37 -0.47 -37.42
N LEU A 294 -11.70 0.16 -36.45
CA LEU A 294 -12.40 0.54 -35.22
C LEU A 294 -13.38 1.68 -35.48
N ARG A 295 -13.03 2.59 -36.38
CA ARG A 295 -13.96 3.62 -36.81
C ARG A 295 -15.20 3.00 -37.45
N HIS A 296 -15.01 1.90 -38.19
CA HIS A 296 -16.12 1.26 -38.87
C HIS A 296 -17.09 0.60 -37.89
N THR A 297 -16.56 -0.03 -36.84
CA THR A 297 -17.41 -0.70 -35.86
C THR A 297 -18.22 0.27 -35.02
N LEU A 298 -17.90 1.56 -35.03
CA LEU A 298 -18.58 2.55 -34.20
C LEU A 298 -19.62 3.37 -34.95
N LYS A 299 -19.76 3.20 -36.27
CA LYS A 299 -20.65 4.07 -37.03
C LYS A 299 -22.12 3.86 -36.69
N ASP A 300 -22.47 2.71 -36.08
CA ASP A 300 -23.83 2.46 -35.63
C ASP A 300 -23.95 2.49 -34.11
N VAL A 301 -22.97 3.09 -33.43
CA VAL A 301 -23.03 3.28 -31.98
C VAL A 301 -23.41 4.73 -31.73
N PRO A 302 -24.66 5.01 -31.35
CA PRO A 302 -25.11 6.41 -31.27
C PRO A 302 -24.38 7.24 -30.22
N ALA A 303 -24.10 6.65 -29.06
CA ALA A 303 -23.44 7.36 -27.96
C ALA A 303 -22.00 6.86 -27.88
N SER A 304 -21.08 7.59 -28.51
CA SER A 304 -19.69 7.18 -28.53
C SER A 304 -18.79 8.41 -28.56
N PHE A 305 -17.54 8.21 -28.15
CA PHE A 305 -16.55 9.28 -28.07
C PHE A 305 -15.20 8.66 -28.39
N ALA A 306 -14.69 8.90 -29.59
CA ALA A 306 -13.51 8.20 -30.10
C ALA A 306 -12.53 9.20 -30.72
N PRO A 307 -11.61 9.73 -29.94
CA PRO A 307 -10.57 10.61 -30.49
C PRO A 307 -9.48 9.80 -31.17
N ALA A 308 -8.79 10.46 -32.11
CA ALA A 308 -7.73 9.83 -32.89
C ALA A 308 -6.38 10.08 -32.21
N CYS A 309 -6.22 9.46 -31.04
CA CYS A 309 -4.99 9.54 -30.28
C CYS A 309 -4.46 8.13 -30.03
N LEU A 310 -3.21 8.07 -29.58
CA LEU A 310 -2.56 6.82 -29.19
C LEU A 310 -2.41 6.84 -27.67
N SER A 311 -3.44 6.34 -26.98
CA SER A 311 -3.48 6.38 -25.53
C SER A 311 -4.26 5.18 -25.01
N HIS A 312 -4.50 5.15 -23.69
CA HIS A 312 -5.22 4.05 -23.05
C HIS A 312 -5.83 4.59 -21.76
N GLU A 313 -7.15 4.45 -21.63
CA GLU A 313 -7.92 4.88 -20.45
C GLU A 313 -7.99 6.40 -20.36
N ILE A 314 -9.03 6.93 -19.71
CA ILE A 314 -9.15 8.39 -19.56
C ILE A 314 -10.16 8.81 -18.50
N ILE A 315 -11.23 8.03 -18.29
CA ILE A 315 -12.38 8.54 -17.54
C ILE A 315 -12.11 8.76 -16.05
N ILE A 316 -11.08 8.15 -15.48
CA ILE A 316 -10.71 8.46 -14.10
C ILE A 316 -9.36 9.18 -14.02
N ARG A 317 -8.85 9.66 -15.15
CA ARG A 317 -7.69 10.54 -15.15
C ARG A 317 -8.15 11.98 -14.95
N SER A 318 -7.36 12.74 -14.18
CA SER A 318 -7.77 14.08 -13.79
C SER A 318 -7.91 15.02 -14.99
N HIS A 319 -7.20 14.75 -16.07
CA HIS A 319 -7.22 15.61 -17.25
C HIS A 319 -8.22 15.17 -18.30
N TRP A 320 -9.25 14.40 -17.91
CA TRP A 320 -10.26 13.97 -18.87
C TRP A 320 -11.14 15.12 -19.34
N THR A 321 -11.14 16.25 -18.62
CA THR A 321 -11.91 17.41 -19.03
C THR A 321 -11.28 18.15 -20.20
N ASP A 322 -10.07 17.77 -20.62
CA ASP A 322 -9.33 18.52 -21.64
C ASP A 322 -9.42 17.89 -23.02
N VAL A 323 -9.84 16.64 -23.14
CA VAL A 323 -9.94 16.00 -24.45
C VAL A 323 -11.26 16.41 -25.10
N GLN A 324 -11.18 16.81 -26.36
CA GLN A 324 -12.34 17.29 -27.10
C GLN A 324 -12.35 16.71 -28.50
N VAL A 325 -13.55 16.42 -29.00
CA VAL A 325 -13.76 15.97 -30.37
C VAL A 325 -14.79 16.88 -31.01
N LYS A 326 -14.38 17.61 -32.05
CA LYS A 326 -15.24 18.55 -32.75
C LYS A 326 -15.84 19.58 -31.80
N GLY A 327 -15.01 20.12 -30.92
CA GLY A 327 -15.42 21.19 -30.04
C GLY A 327 -16.24 20.76 -28.84
N THR A 328 -16.42 19.47 -28.62
CA THR A 328 -17.23 18.97 -27.50
C THR A 328 -16.37 18.09 -26.60
N SER A 329 -16.34 18.43 -25.32
CA SER A 329 -15.53 17.71 -24.36
C SER A 329 -16.20 16.37 -23.98
N LEU A 330 -15.43 15.52 -23.30
CA LEU A 330 -15.96 14.24 -22.86
C LEU A 330 -17.02 14.41 -21.76
N PRO A 331 -16.80 15.22 -20.71
CA PRO A 331 -17.89 15.44 -19.75
C PRO A 331 -19.14 16.04 -20.37
N ARG A 332 -18.99 16.90 -21.39
CA ARG A 332 -20.13 17.46 -22.09
C ARG A 332 -20.92 16.37 -22.80
N ALA A 333 -20.22 15.50 -23.52
CA ALA A 333 -20.89 14.44 -24.27
C ALA A 333 -21.66 13.50 -23.34
N LEU A 334 -21.07 13.18 -22.18
CA LEU A 334 -21.78 12.34 -21.22
C LEU A 334 -23.00 13.05 -20.65
N HIS A 335 -22.92 14.39 -20.49
CA HIS A 335 -24.09 15.14 -20.03
C HIS A 335 -25.19 15.16 -21.09
N CYS A 336 -24.83 15.32 -22.36
CA CYS A 336 -25.84 15.31 -23.41
C CYS A 336 -26.49 13.93 -23.51
N TRP A 337 -25.71 12.87 -23.34
CA TRP A 337 -26.27 11.52 -23.31
C TRP A 337 -27.20 11.34 -22.13
N ASP A 338 -26.83 11.92 -20.98
CA ASP A 338 -27.68 11.85 -19.80
C ASP A 338 -29.03 12.53 -20.05
N ARG A 339 -29.01 13.73 -20.64
CA ARG A 339 -30.26 14.45 -20.86
C ARG A 339 -31.12 13.79 -21.91
N SER A 340 -30.52 13.11 -22.89
CA SER A 340 -31.31 12.45 -23.93
C SER A 340 -32.08 11.26 -23.41
N LEU A 341 -31.70 10.71 -22.25
CA LEU A 341 -32.36 9.55 -21.67
C LEU A 341 -33.44 9.92 -20.66
N HIS A 342 -33.71 11.21 -20.48
CA HIS A 342 -34.69 11.64 -19.48
C HIS A 342 -36.05 11.87 -20.12
N CYS A 355 -26.16 19.61 -28.61
CA CYS A 355 -25.69 18.73 -27.55
C CYS A 355 -25.51 17.31 -28.09
N PRO A 356 -24.48 17.12 -28.91
CA PRO A 356 -24.31 15.83 -29.60
C PRO A 356 -23.70 14.76 -28.71
N VAL A 357 -23.90 13.50 -29.11
CA VAL A 357 -23.40 12.37 -28.35
C VAL A 357 -22.56 11.44 -29.22
N HIS A 358 -22.62 11.61 -30.53
CA HIS A 358 -21.85 10.79 -31.47
C HIS A 358 -20.65 11.60 -31.96
N LEU A 359 -19.49 11.36 -31.37
CA LEU A 359 -18.29 12.16 -31.62
C LEU A 359 -17.12 11.22 -31.94
N VAL A 360 -16.88 10.98 -33.22
CA VAL A 360 -15.77 10.15 -33.69
C VAL A 360 -14.91 11.01 -34.61
N ASP A 361 -13.60 10.97 -34.41
CA ASP A 361 -12.69 11.77 -35.23
C ASP A 361 -12.62 11.24 -36.65
N SER A 362 -12.58 12.16 -37.62
CA SER A 362 -12.48 11.82 -39.03
C SER A 362 -11.04 11.74 -39.53
N CYS A 363 -10.10 12.43 -38.88
CA CYS A 363 -8.73 12.44 -39.38
C CYS A 363 -8.05 11.11 -39.06
N PRO A 364 -7.41 10.48 -40.04
CA PRO A 364 -6.97 9.08 -39.89
C PRO A 364 -5.60 8.81 -39.28
N TRP A 365 -4.76 9.79 -39.03
CA TRP A 365 -3.43 9.47 -38.49
C TRP A 365 -3.39 9.78 -37.01
N PRO A 366 -2.54 9.08 -36.24
CA PRO A 366 -2.55 9.27 -34.80
C PRO A 366 -2.12 10.68 -34.40
N HIS A 367 -2.71 11.18 -33.32
CA HIS A 367 -2.40 12.50 -32.78
C HIS A 367 -2.68 13.61 -33.79
N CYS A 368 -3.66 13.41 -34.66
CA CYS A 368 -4.16 14.49 -35.50
C CYS A 368 -5.11 15.40 -34.74
N ASN A 369 -5.66 14.91 -33.64
CA ASN A 369 -6.49 15.73 -32.77
C ASN A 369 -5.59 16.57 -31.88
N PRO A 370 -5.71 17.89 -31.89
CA PRO A 370 -4.79 18.73 -31.10
C PRO A 370 -4.92 18.54 -29.60
N SER A 371 -6.01 17.92 -29.13
CA SER A 371 -6.26 17.76 -27.70
C SER A 371 -5.83 16.40 -27.17
N CYS A 372 -4.96 15.69 -27.88
CA CYS A 372 -4.52 14.38 -27.43
C CYS A 372 -3.63 14.50 -26.20
N PRO A 373 -3.64 13.51 -25.32
CA PRO A 373 -2.78 13.56 -24.13
C PRO A 373 -1.32 13.35 -24.47
N THR A 374 -0.47 13.65 -23.51
CA THR A 374 0.98 13.46 -23.66
C THR A 374 1.53 12.59 -22.55
N ASN B 9 -5.25 -14.32 7.33
CA ASN B 9 -4.44 -15.50 7.63
C ASN B 9 -3.70 -15.30 8.94
N GLU B 10 -2.37 -15.39 8.91
CA GLU B 10 -1.54 -15.11 10.07
C GLU B 10 -1.08 -13.65 10.11
N ASP B 11 -1.64 -12.79 9.25
CA ASP B 11 -1.17 -11.42 9.10
C ASP B 11 -1.69 -10.55 10.25
N LEU B 12 -0.97 -9.45 10.48
CA LEU B 12 -1.42 -8.43 11.41
C LEU B 12 -2.39 -7.48 10.71
N ARG B 13 -3.45 -7.10 11.41
CA ARG B 13 -4.50 -6.27 10.83
C ARG B 13 -4.46 -4.86 11.40
N LEU B 14 -4.66 -3.87 10.53
CA LEU B 14 -4.54 -2.47 10.91
C LEU B 14 -5.75 -2.01 11.72
N HIS B 15 -5.47 -1.26 12.79
CA HIS B 15 -6.49 -0.55 13.56
C HIS B 15 -6.08 0.90 13.69
N LEU B 16 -6.98 1.81 13.35
CA LEU B 16 -6.73 3.24 13.53
C LEU B 16 -7.22 3.67 14.91
N LEU B 17 -6.48 4.60 15.51
CA LEU B 17 -6.79 5.03 16.88
C LEU B 17 -8.17 5.67 16.94
N LEU B 18 -8.93 5.30 17.98
CA LEU B 18 -10.27 5.85 18.15
C LEU B 18 -10.23 7.34 18.47
N ASN B 19 -9.34 7.74 19.38
CA ASN B 19 -9.14 9.15 19.69
C ASN B 19 -8.44 9.80 18.49
N THR B 20 -9.21 10.48 17.66
CA THR B 20 -8.69 11.08 16.44
C THR B 20 -7.90 12.36 16.68
N SER B 21 -7.72 12.77 17.94
CA SER B 21 -6.85 13.89 18.25
C SER B 21 -5.39 13.49 18.31
N VAL B 22 -5.09 12.19 18.36
CA VAL B 22 -3.73 11.67 18.31
C VAL B 22 -3.49 11.24 16.86
N THR B 23 -2.64 11.98 16.15
CA THR B 23 -2.53 11.86 14.70
C THR B 23 -1.07 11.70 14.29
N CYS B 24 -0.89 11.41 13.01
CA CYS B 24 0.43 11.44 12.38
C CYS B 24 0.84 12.90 12.16
N ASN B 25 1.95 13.10 11.44
CA ASN B 25 2.47 14.45 11.22
C ASN B 25 1.45 15.34 10.51
N ASP B 26 0.78 14.81 9.50
CA ASP B 26 -0.11 15.62 8.66
C ASP B 26 -1.54 15.67 9.17
N GLY B 27 -1.81 15.13 10.37
CA GLY B 27 -3.14 15.15 10.93
C GLY B 27 -3.98 13.92 10.64
N SER B 28 -3.51 13.02 9.78
CA SER B 28 -4.22 11.77 9.55
C SER B 28 -4.13 10.89 10.81
N PRO B 29 -5.12 10.02 11.02
CA PRO B 29 -5.13 9.22 12.25
C PRO B 29 -3.95 8.26 12.31
N ALA B 30 -3.40 8.11 13.50
CA ALA B 30 -2.38 7.11 13.77
C ALA B 30 -3.03 5.75 14.01
N GLY B 31 -2.21 4.71 14.16
CA GLY B 31 -2.77 3.38 14.31
C GLY B 31 -1.72 2.36 14.67
N TYR B 32 -2.13 1.09 14.55
CA TYR B 32 -1.28 -0.03 14.92
C TYR B 32 -1.81 -1.29 14.27
N TYR B 33 -0.91 -2.25 14.02
CA TYR B 33 -1.26 -3.56 13.48
C TYR B 33 -1.26 -4.58 14.61
N LEU B 34 -2.23 -5.49 14.59
CA LEU B 34 -2.40 -6.44 15.68
C LEU B 34 -2.66 -7.84 15.15
N LYS B 35 -1.98 -8.82 15.73
CA LYS B 35 -2.28 -10.24 15.53
C LYS B 35 -2.43 -10.86 16.91
N GLU B 36 -3.65 -11.22 17.27
CA GLU B 36 -3.90 -11.79 18.59
C GLU B 36 -3.58 -13.28 18.61
N SER B 37 -3.20 -13.76 19.79
CA SER B 37 -2.94 -15.17 20.03
C SER B 37 -3.63 -15.49 21.37
N ARG B 38 -4.80 -16.12 21.29
CA ARG B 38 -5.69 -16.19 22.44
C ARG B 38 -5.09 -17.01 23.58
N GLY B 39 -4.28 -18.02 23.25
CA GLY B 39 -3.66 -18.85 24.29
C GLY B 39 -2.46 -18.23 24.97
N SER B 40 -1.83 -17.22 24.36
CA SER B 40 -0.58 -16.67 24.86
C SER B 40 -0.81 -15.44 25.75
N ARG B 41 0.01 -15.33 26.79
CA ARG B 41 0.05 -14.14 27.63
C ARG B 41 1.33 -13.32 27.44
N ARG B 42 2.01 -13.49 26.31
CA ARG B 42 3.18 -12.68 25.97
C ARG B 42 2.81 -11.70 24.86
N TRP B 43 3.31 -10.48 24.98
CA TRP B 43 2.98 -9.38 24.07
C TRP B 43 4.25 -8.71 23.59
N LEU B 44 4.35 -8.48 22.27
CA LEU B 44 5.47 -7.79 21.67
C LEU B 44 4.96 -6.57 20.94
N LEU B 45 5.37 -5.39 21.38
CA LEU B 45 4.99 -4.12 20.76
C LEU B 45 6.25 -3.53 20.11
N PHE B 46 6.24 -3.45 18.79
CA PHE B 46 7.41 -3.03 18.02
C PHE B 46 7.20 -1.61 17.50
N LEU B 47 8.22 -0.77 17.71
CA LEU B 47 8.24 0.60 17.20
C LEU B 47 9.18 0.67 16.00
N GLU B 48 8.63 0.98 14.83
CA GLU B 48 9.49 1.08 13.66
C GLU B 48 10.24 2.41 13.66
N GLY B 49 11.39 2.43 12.98
CA GLY B 49 12.23 3.60 12.90
C GLY B 49 12.12 4.32 11.57
N GLY B 50 13.11 5.16 11.28
CA GLY B 50 13.12 5.92 10.05
C GLY B 50 13.49 7.39 10.20
N TRP B 51 14.59 7.65 10.92
CA TRP B 51 15.21 8.98 11.06
C TRP B 51 14.20 9.94 11.69
N TYR B 52 14.14 11.19 11.24
CA TYR B 52 13.41 12.26 11.89
C TYR B 52 13.52 13.55 11.07
N CYS B 53 12.87 14.62 11.52
CA CYS B 53 13.05 15.95 10.94
C CYS B 53 12.85 16.98 12.04
N PHE B 54 13.77 17.95 12.13
CA PHE B 54 13.82 18.84 13.28
C PHE B 54 13.57 20.31 12.93
N ASN B 55 12.99 20.60 11.77
CA ASN B 55 12.54 21.96 11.47
C ASN B 55 11.55 21.91 10.32
N ARG B 56 10.93 23.06 10.07
CA ARG B 56 9.85 23.12 9.08
C ARG B 56 10.35 22.80 7.68
N GLU B 57 11.54 23.28 7.32
CA GLU B 57 12.02 23.10 5.96
C GLU B 57 12.45 21.66 5.70
N ASN B 58 13.03 20.99 6.70
CA ASN B 58 13.39 19.59 6.51
C ASN B 58 12.16 18.68 6.56
N CYS B 59 11.18 19.00 7.42
CA CYS B 59 9.96 18.20 7.46
C CYS B 59 9.15 18.37 6.18
N ASP B 60 9.22 19.55 5.55
CA ASP B 60 8.60 19.73 4.25
C ASP B 60 9.29 18.86 3.19
N SER B 61 10.62 18.82 3.22
CA SER B 61 11.35 17.97 2.28
C SER B 61 11.11 16.50 2.56
N ARG B 62 11.00 16.13 3.85
CA ARG B 62 10.68 14.76 4.21
C ARG B 62 9.29 14.37 3.73
N TYR B 63 8.35 15.33 3.77
CA TYR B 63 6.99 15.07 3.34
C TYR B 63 6.86 14.84 1.84
N ASP B 64 7.81 15.36 1.05
CA ASP B 64 7.74 15.19 -0.39
C ASP B 64 8.40 13.91 -0.88
N THR B 65 9.40 13.41 -0.16
CA THR B 65 10.14 12.23 -0.59
C THR B 65 9.71 10.94 0.11
N MET B 66 9.26 11.03 1.36
CA MET B 66 8.87 9.86 2.15
C MET B 66 7.53 10.16 2.84
N ARG B 67 6.44 10.05 2.08
CA ARG B 67 5.13 10.37 2.62
C ARG B 67 4.66 9.34 3.64
N ARG B 68 5.07 8.08 3.47
CA ARG B 68 4.65 7.02 4.38
C ARG B 68 5.03 7.33 5.83
N LEU B 69 6.13 8.05 6.04
CA LEU B 69 6.63 8.32 7.38
C LEU B 69 5.99 9.54 8.03
N MET B 70 5.04 10.19 7.34
CA MET B 70 4.36 11.36 7.90
C MET B 70 2.85 11.30 7.70
N SER B 71 2.30 10.16 7.26
CA SER B 71 0.88 10.06 6.95
C SER B 71 0.47 8.60 6.97
N SER B 72 -0.82 8.37 7.25
CA SER B 72 -1.40 7.03 7.25
C SER B 72 -2.38 6.79 6.11
N ARG B 73 -2.50 7.73 5.18
CA ARG B 73 -3.51 7.62 4.13
C ARG B 73 -3.27 6.44 3.20
N ASP B 74 -2.03 5.96 3.09
CA ASP B 74 -1.69 4.90 2.15
C ASP B 74 -1.23 3.62 2.83
N TRP B 75 -1.48 3.48 4.13
CA TRP B 75 -1.10 2.26 4.82
C TRP B 75 -1.93 1.08 4.32
N PRO B 76 -1.33 -0.09 4.11
CA PRO B 76 -2.12 -1.27 3.76
C PRO B 76 -2.89 -1.79 4.96
N ARG B 77 -3.94 -2.55 4.68
CA ARG B 77 -4.81 -3.01 5.75
C ARG B 77 -4.22 -4.19 6.53
N THR B 78 -3.30 -4.94 5.93
CA THR B 78 -2.62 -6.02 6.63
C THR B 78 -1.13 -5.98 6.31
N ARG B 79 -0.34 -6.62 7.17
CA ARG B 79 1.09 -6.79 6.93
C ARG B 79 1.53 -8.10 7.60
N THR B 80 2.57 -8.71 7.03
CA THR B 80 3.10 -9.95 7.55
C THR B 80 4.26 -9.68 8.51
N GLY B 81 4.20 -10.26 9.70
CA GLY B 81 5.28 -10.11 10.65
C GLY B 81 6.54 -10.86 10.20
N THR B 82 7.69 -10.25 10.45
CA THR B 82 8.97 -10.83 10.11
C THR B 82 9.89 -10.78 11.33
N GLY B 83 10.88 -11.67 11.33
CA GLY B 83 11.82 -11.73 12.44
C GLY B 83 11.12 -12.06 13.75
N ILE B 84 11.34 -11.23 14.76
CA ILE B 84 10.73 -11.43 16.06
C ILE B 84 9.22 -11.20 16.04
N LEU B 85 8.69 -10.65 14.95
CA LEU B 85 7.26 -10.52 14.76
C LEU B 85 6.66 -11.67 13.94
N SER B 86 7.49 -12.58 13.45
CA SER B 86 7.01 -13.69 12.63
C SER B 86 6.34 -14.75 13.50
N SER B 87 5.32 -15.39 12.92
CA SER B 87 4.60 -16.49 13.57
C SER B 87 5.05 -17.85 13.07
N GLN B 88 6.11 -17.90 12.26
CA GLN B 88 6.64 -19.16 11.77
C GLN B 88 7.68 -19.69 12.76
N PRO B 89 7.49 -20.89 13.32
CA PRO B 89 8.46 -21.41 14.31
C PRO B 89 9.90 -21.42 13.83
N GLU B 90 10.14 -21.71 12.55
CA GLU B 90 11.52 -21.75 12.05
C GLU B 90 12.15 -20.36 12.04
N GLU B 91 11.34 -19.31 11.94
CA GLU B 91 11.85 -17.95 11.90
C GLU B 91 11.83 -17.26 13.25
N ASN B 92 11.04 -17.76 14.20
CA ASN B 92 10.90 -17.16 15.54
C ASN B 92 10.73 -18.28 16.54
N PRO B 93 11.80 -19.02 16.84
CA PRO B 93 11.64 -20.30 17.55
C PRO B 93 11.08 -20.18 18.96
N TYR B 94 11.32 -19.05 19.64
CA TYR B 94 10.91 -18.92 21.04
C TYR B 94 9.62 -18.15 21.23
N TRP B 95 9.31 -17.17 20.36
CA TRP B 95 8.18 -16.28 20.60
C TRP B 95 7.20 -16.23 19.43
N TRP B 96 7.17 -17.28 18.59
CA TRP B 96 6.29 -17.25 17.42
C TRP B 96 4.81 -17.23 17.79
N ASN B 97 4.45 -17.70 18.99
CA ASN B 97 3.05 -17.82 19.39
C ASN B 97 2.57 -16.60 20.17
N ALA B 98 3.37 -15.54 20.25
CA ALA B 98 3.01 -14.39 21.06
C ALA B 98 2.04 -13.47 20.32
N ASN B 99 1.39 -12.59 21.09
CA ASN B 99 0.61 -11.51 20.51
C ASN B 99 1.54 -10.49 19.87
N MET B 100 1.30 -10.18 18.60
CA MET B 100 2.18 -9.32 17.82
C MET B 100 1.51 -7.98 17.56
N VAL B 101 2.24 -6.90 17.83
CA VAL B 101 1.77 -5.54 17.58
C VAL B 101 2.88 -4.78 16.86
N PHE B 102 2.52 -4.08 15.78
CA PHE B 102 3.44 -3.27 15.00
C PHE B 102 2.89 -1.85 14.92
N ILE B 103 3.64 -0.88 15.43
CA ILE B 103 3.20 0.51 15.49
C ILE B 103 4.01 1.30 14.45
N PRO B 104 3.39 1.76 13.37
CA PRO B 104 4.15 2.48 12.34
C PRO B 104 4.64 3.84 12.84
N TYR B 105 5.77 4.26 12.29
CA TYR B 105 6.44 5.51 12.66
C TYR B 105 5.97 6.60 11.72
N CYS B 106 5.11 7.49 12.22
CA CYS B 106 4.58 8.58 11.40
C CYS B 106 4.61 9.92 12.14
N SER B 107 5.50 10.07 13.12
CA SER B 107 5.61 11.31 13.88
C SER B 107 6.95 12.01 13.74
N SER B 108 7.98 11.34 13.23
CA SER B 108 9.28 11.95 12.91
C SER B 108 9.92 12.61 14.14
N ASP B 109 9.63 12.10 15.34
CA ASP B 109 10.07 12.75 16.57
C ASP B 109 10.80 11.79 17.50
N VAL B 110 11.29 10.66 16.99
CA VAL B 110 11.94 9.62 17.79
C VAL B 110 10.99 9.20 18.90
N TRP B 111 9.69 9.21 18.61
CA TRP B 111 8.66 8.76 19.56
C TRP B 111 8.65 9.60 20.83
N SER B 112 9.09 10.86 20.74
CA SER B 112 9.19 11.72 21.92
C SER B 112 8.13 12.79 22.02
N GLY B 113 7.41 13.10 20.94
CA GLY B 113 6.49 14.23 20.97
C GLY B 113 5.32 13.96 21.90
N ALA B 114 4.92 14.99 22.64
CA ALA B 114 3.82 14.84 23.58
C ALA B 114 2.86 16.02 23.60
N SER B 115 2.91 16.92 22.63
CA SER B 115 1.96 18.03 22.57
C SER B 115 0.85 17.72 21.57
N SER B 116 -0.23 18.49 21.68
CA SER B 116 -1.44 18.26 20.89
C SER B 116 -1.53 19.33 19.80
N LYS B 117 -0.76 19.13 18.73
CA LYS B 117 -0.63 20.10 17.65
C LYS B 117 -0.27 21.49 18.15
N GLU B 122 1.26 23.69 10.23
CA GLU B 122 1.72 23.24 11.54
C GLU B 122 1.64 21.72 11.67
N TYR B 123 2.79 21.05 11.62
CA TYR B 123 2.83 19.61 11.79
C TYR B 123 2.57 19.25 13.26
N ALA B 124 2.07 18.04 13.46
CA ALA B 124 1.87 17.50 14.80
C ALA B 124 2.92 16.43 15.10
N PHE B 125 3.42 16.44 16.32
CA PHE B 125 4.46 15.52 16.76
C PHE B 125 3.97 14.88 18.06
N MET B 126 3.40 13.67 17.94
CA MET B 126 2.68 13.03 19.03
C MET B 126 3.15 11.60 19.24
N GLY B 127 4.44 11.34 19.02
CA GLY B 127 4.93 9.97 19.07
C GLY B 127 4.76 9.33 20.45
N ALA B 128 5.03 10.08 21.51
CA ALA B 128 4.87 9.54 22.85
C ALA B 128 3.40 9.34 23.20
N LEU B 129 2.52 10.17 22.65
CA LEU B 129 1.08 10.01 22.90
C LEU B 129 0.50 8.87 22.07
N ILE B 130 1.10 8.55 20.93
CA ILE B 130 0.63 7.42 20.13
C ILE B 130 0.85 6.11 20.88
N ILE B 131 2.05 5.95 21.46
CA ILE B 131 2.35 4.76 22.26
C ILE B 131 1.37 4.65 23.42
N GLN B 132 1.15 5.75 24.15
CA GLN B 132 0.22 5.75 25.27
C GLN B 132 -1.17 5.29 24.84
N GLU B 133 -1.62 5.73 23.67
CA GLU B 133 -2.97 5.41 23.22
C GLU B 133 -3.08 3.96 22.74
N VAL B 134 -2.01 3.42 22.14
CA VAL B 134 -2.02 2.03 21.73
C VAL B 134 -2.11 1.11 22.95
N VAL B 135 -1.30 1.38 23.97
CA VAL B 135 -1.34 0.60 25.21
C VAL B 135 -2.74 0.64 25.80
N ARG B 136 -3.36 1.81 25.82
CA ARG B 136 -4.71 1.96 26.37
C ARG B 136 -5.71 1.05 25.66
N GLU B 137 -5.71 1.05 24.33
CA GLU B 137 -6.68 0.26 23.58
C GLU B 137 -6.40 -1.24 23.71
N LEU B 138 -5.13 -1.63 23.77
CA LEU B 138 -4.79 -3.05 23.86
C LEU B 138 -5.26 -3.69 25.16
N LEU B 139 -5.46 -2.89 26.21
CA LEU B 139 -5.96 -3.44 27.47
C LEU B 139 -7.33 -4.09 27.28
N GLY B 140 -8.17 -3.53 26.43
CA GLY B 140 -9.45 -4.14 26.11
C GLY B 140 -9.37 -5.32 25.18
N ARG B 141 -8.19 -5.60 24.61
CA ARG B 141 -8.01 -6.69 23.66
C ARG B 141 -7.13 -7.80 24.22
N GLY B 142 -7.04 -7.93 25.53
CA GLY B 142 -6.34 -9.04 26.16
C GLY B 142 -5.07 -8.67 26.90
N LEU B 143 -4.55 -7.46 26.74
CA LEU B 143 -3.32 -7.07 27.43
C LEU B 143 -3.50 -7.05 28.95
N SER B 144 -4.74 -6.88 29.43
CA SER B 144 -4.99 -6.84 30.87
C SER B 144 -4.61 -8.14 31.56
N GLY B 145 -4.57 -9.26 30.83
CA GLY B 145 -4.17 -10.54 31.37
C GLY B 145 -2.74 -10.95 31.07
N ALA B 146 -1.94 -10.07 30.48
CA ALA B 146 -0.59 -10.42 30.05
C ALA B 146 0.33 -10.65 31.24
N LYS B 147 1.35 -11.48 31.02
CA LYS B 147 2.44 -11.65 31.97
C LYS B 147 3.67 -10.82 31.62
N VAL B 148 3.97 -10.68 30.33
CA VAL B 148 5.13 -9.92 29.87
C VAL B 148 4.71 -9.02 28.72
N LEU B 149 5.08 -7.75 28.80
CA LEU B 149 4.94 -6.80 27.71
C LEU B 149 6.35 -6.37 27.33
N LEU B 150 6.79 -6.80 26.15
CA LEU B 150 8.12 -6.46 25.65
C LEU B 150 7.98 -5.34 24.63
N LEU B 151 8.44 -4.15 24.99
CA LEU B 151 8.43 -3.00 24.09
C LEU B 151 9.75 -3.02 23.31
N ALA B 152 9.65 -3.27 22.00
CA ALA B 152 10.81 -3.40 21.14
C ALA B 152 10.78 -2.35 20.05
N GLY B 153 11.92 -2.16 19.40
CA GLY B 153 12.01 -1.21 18.31
C GLY B 153 13.39 -1.25 17.69
N SER B 154 13.45 -0.76 16.45
CA SER B 154 14.68 -0.74 15.67
C SER B 154 15.01 0.68 15.25
N ALA B 155 16.30 1.04 15.34
CA ALA B 155 16.82 2.33 14.89
C ALA B 155 16.14 3.43 15.68
N ALA B 156 15.45 4.39 15.06
CA ALA B 156 14.73 5.41 15.80
C ALA B 156 13.71 4.80 16.74
N GLY B 157 13.12 3.66 16.37
CA GLY B 157 12.23 2.96 17.28
C GLY B 157 12.97 2.35 18.46
N GLY B 158 14.23 1.97 18.27
CA GLY B 158 15.03 1.49 19.38
C GLY B 158 15.31 2.57 20.41
N THR B 159 15.67 3.77 19.95
CA THR B 159 15.79 4.90 20.85
C THR B 159 14.47 5.25 21.49
N GLY B 160 13.36 5.06 20.76
CA GLY B 160 12.05 5.30 21.34
C GLY B 160 11.72 4.35 22.47
N VAL B 161 12.28 3.14 22.43
CA VAL B 161 12.09 2.19 23.54
C VAL B 161 12.74 2.74 24.80
N LEU B 162 13.98 3.22 24.68
CA LEU B 162 14.68 3.77 25.83
C LEU B 162 13.96 4.98 26.41
N LEU B 163 13.27 5.75 25.57
CA LEU B 163 12.57 6.94 26.02
C LEU B 163 11.21 6.65 26.64
N ASN B 164 10.61 5.50 26.32
CA ASN B 164 9.21 5.26 26.65
C ASN B 164 8.96 4.02 27.51
N VAL B 165 9.96 3.16 27.73
CA VAL B 165 9.70 1.89 28.39
C VAL B 165 9.25 2.10 29.82
N ASP B 166 9.87 3.04 30.55
CA ASP B 166 9.45 3.33 31.91
C ASP B 166 8.16 4.14 31.96
N ARG B 167 7.85 4.88 30.89
CA ARG B 167 6.58 5.60 30.85
C ARG B 167 5.41 4.63 30.72
N VAL B 168 5.58 3.56 29.93
CA VAL B 168 4.55 2.54 29.83
C VAL B 168 4.39 1.80 31.15
N ALA B 169 5.50 1.50 31.81
CA ALA B 169 5.44 0.85 33.12
C ALA B 169 4.62 1.66 34.12
N GLU B 170 4.90 2.97 34.20
CA GLU B 170 4.14 3.82 35.12
C GLU B 170 2.69 4.00 34.66
N GLN B 171 2.46 4.01 33.35
CA GLN B 171 1.09 4.10 32.84
C GLN B 171 0.25 2.93 33.32
N LEU B 172 0.80 1.70 33.23
CA LEU B 172 0.04 0.53 33.63
C LEU B 172 -0.17 0.46 35.13
N GLU B 173 0.77 1.00 35.92
CA GLU B 173 0.57 1.10 37.36
C GLU B 173 -0.58 2.04 37.67
N LYS B 174 -0.56 3.23 37.07
CA LYS B 174 -1.63 4.21 37.30
C LYS B 174 -3.00 3.67 36.92
N LEU B 175 -3.06 2.90 35.82
CA LEU B 175 -4.33 2.33 35.37
C LEU B 175 -4.77 1.12 36.18
N GLY B 176 -3.93 0.64 37.08
CA GLY B 176 -4.29 -0.48 37.93
C GLY B 176 -3.97 -1.85 37.38
N TYR B 177 -2.88 -1.99 36.63
CA TYR B 177 -2.43 -3.27 36.10
C TYR B 177 -0.96 -3.48 36.46
N PRO B 178 -0.63 -3.57 37.74
CA PRO B 178 0.78 -3.63 38.14
C PRO B 178 1.43 -5.00 37.96
N ALA B 179 0.67 -6.03 37.62
CA ALA B 179 1.23 -7.37 37.49
C ALA B 179 1.91 -7.59 36.14
N ILE B 180 1.61 -6.76 35.14
CA ILE B 180 2.24 -6.90 33.84
C ILE B 180 3.70 -6.46 33.94
N GLN B 181 4.61 -7.36 33.60
CA GLN B 181 6.04 -7.06 33.64
C GLN B 181 6.43 -6.39 32.33
N VAL B 182 6.81 -5.12 32.40
CA VAL B 182 7.19 -4.36 31.22
C VAL B 182 8.70 -4.45 31.03
N ARG B 183 9.13 -4.75 29.81
CA ARG B 183 10.55 -4.89 29.49
C ARG B 183 10.82 -4.18 28.16
N GLY B 184 12.10 -3.94 27.90
CA GLY B 184 12.49 -3.22 26.71
C GLY B 184 13.52 -3.97 25.89
N LEU B 185 13.45 -3.78 24.58
CA LEU B 185 14.42 -4.34 23.63
C LEU B 185 14.76 -3.26 22.62
N ALA B 186 15.98 -2.72 22.71
CA ALA B 186 16.42 -1.62 21.86
C ALA B 186 17.41 -2.15 20.83
N ASP B 187 17.05 -1.99 19.56
CA ASP B 187 17.85 -2.48 18.44
C ASP B 187 18.32 -1.28 17.63
N SER B 188 19.65 -1.13 17.51
CA SER B 188 20.25 -0.08 16.69
C SER B 188 19.83 1.32 17.14
N GLY B 189 19.55 1.48 18.43
CA GLY B 189 19.16 2.78 18.96
C GLY B 189 20.09 3.28 20.04
N TRP B 190 21.28 2.69 20.11
CA TRP B 190 22.27 3.00 21.14
C TRP B 190 23.40 3.78 20.47
N PHE B 191 23.33 5.11 20.56
CA PHE B 191 24.22 5.99 19.83
C PHE B 191 25.14 6.76 20.78
N LEU B 192 26.21 7.30 20.20
CA LEU B 192 27.16 8.13 20.91
C LEU B 192 27.04 9.57 20.43
N ASP B 193 27.08 10.51 21.37
CA ASP B 193 27.05 11.94 21.03
C ASP B 193 28.50 12.44 20.84
N ASN B 194 29.15 11.90 19.82
CA ASN B 194 30.57 12.09 19.63
C ASN B 194 30.83 13.17 18.59
N LYS B 195 32.08 13.30 18.17
CA LYS B 195 32.50 14.29 17.19
C LYS B 195 32.55 13.68 15.80
N GLN B 196 32.15 14.48 14.81
CA GLN B 196 32.15 14.03 13.42
C GLN B 196 33.56 13.81 12.91
N TYR B 197 33.70 12.86 11.99
CA TYR B 197 34.97 12.66 11.29
C TYR B 197 35.36 13.91 10.51
N ARG B 198 34.44 14.44 9.72
CA ARG B 198 34.62 15.70 9.00
C ARG B 198 33.45 16.61 9.32
N HIS B 199 33.74 17.78 9.86
CA HIS B 199 32.69 18.68 10.31
C HIS B 199 31.92 19.26 9.13
N THR B 200 30.59 19.25 9.23
CA THR B 200 29.71 19.91 8.29
C THR B 200 28.71 20.76 9.06
N ASP B 201 27.96 21.59 8.34
CA ASP B 201 26.95 22.43 8.95
C ASP B 201 25.60 21.72 8.98
N CYS B 202 24.85 21.93 10.05
CA CYS B 202 23.59 21.24 10.31
C CYS B 202 22.50 21.88 9.46
N VAL B 203 22.37 21.42 8.21
CA VAL B 203 21.34 21.93 7.29
C VAL B 203 20.32 20.84 6.97
N ASP B 204 20.76 19.72 6.42
CA ASP B 204 19.89 18.58 6.14
C ASP B 204 20.09 17.48 7.19
N THR B 205 19.15 16.53 7.19
CA THR B 205 19.18 15.43 8.13
C THR B 205 20.30 14.44 7.74
N ILE B 206 20.42 13.37 8.53
CA ILE B 206 21.41 12.29 8.46
C ILE B 206 22.87 12.76 8.38
N THR B 207 23.10 14.04 8.12
CA THR B 207 24.47 14.56 8.10
C THR B 207 24.67 15.67 9.11
N CYS B 208 23.72 15.90 10.00
CA CYS B 208 23.87 16.84 11.10
C CYS B 208 24.41 16.11 12.32
N ALA B 209 25.32 16.77 13.03
CA ALA B 209 25.98 16.13 14.16
C ALA B 209 24.95 15.66 15.17
N PRO B 210 25.18 14.52 15.83
CA PRO B 210 24.14 13.95 16.70
C PRO B 210 23.71 14.89 17.82
N THR B 211 24.66 15.58 18.45
CA THR B 211 24.33 16.48 19.56
C THR B 211 23.41 17.60 19.09
N GLU B 212 23.78 18.29 18.02
CA GLU B 212 22.99 19.44 17.56
C GLU B 212 21.62 19.00 17.02
N ALA B 213 21.55 17.81 16.42
CA ALA B 213 20.29 17.34 15.85
C ALA B 213 19.21 17.21 16.92
N ILE B 214 19.55 16.62 18.06
CA ILE B 214 18.56 16.43 19.11
C ILE B 214 18.27 17.74 19.84
N ARG B 215 19.27 18.61 19.98
CA ARG B 215 19.06 19.90 20.62
C ARG B 215 17.97 20.69 19.90
N ARG B 216 18.06 20.75 18.56
CA ARG B 216 17.03 21.42 17.78
C ARG B 216 15.72 20.65 17.80
N GLY B 217 15.79 19.32 17.65
CA GLY B 217 14.58 18.53 17.50
C GLY B 217 13.69 18.57 18.73
N ILE B 218 14.29 18.38 19.92
CA ILE B 218 13.50 18.26 21.14
C ILE B 218 12.68 19.53 21.40
N ARG B 219 13.21 20.69 21.00
CA ARG B 219 12.45 21.92 21.15
C ARG B 219 11.38 22.05 20.07
N TYR B 220 11.70 21.61 18.85
CA TYR B 220 10.74 21.70 17.75
C TYR B 220 9.61 20.69 17.90
N TRP B 221 9.85 19.56 18.56
CA TRP B 221 8.85 18.52 18.72
C TRP B 221 8.05 18.66 20.01
N ASN B 222 8.46 19.53 20.93
CA ASN B 222 7.98 19.50 22.31
C ASN B 222 8.16 18.11 22.90
N GLY B 223 9.35 17.55 22.69
CA GLY B 223 9.63 16.19 23.10
C GLY B 223 9.84 16.06 24.59
N VAL B 224 9.51 14.89 25.11
CA VAL B 224 9.64 14.59 26.53
C VAL B 224 10.60 13.42 26.69
N VAL B 225 11.28 13.39 27.83
CA VAL B 225 12.28 12.38 28.15
C VAL B 225 11.85 11.67 29.42
N PRO B 226 12.44 10.52 29.78
CA PRO B 226 12.07 9.88 31.04
C PRO B 226 12.33 10.80 32.23
N GLU B 227 11.39 10.78 33.18
CA GLU B 227 11.43 11.71 34.30
C GLU B 227 12.71 11.53 35.12
N ARG B 228 13.13 10.28 35.34
CA ARG B 228 14.32 10.04 36.14
C ARG B 228 15.59 10.52 35.45
N CYS B 229 15.61 10.53 34.12
CA CYS B 229 16.78 11.05 33.41
C CYS B 229 16.76 12.57 33.34
N ARG B 230 15.58 13.17 33.19
CA ARG B 230 15.49 14.62 33.20
C ARG B 230 15.93 15.20 34.54
N ARG B 231 15.74 14.45 35.63
CA ARG B 231 16.14 14.91 36.95
C ARG B 231 17.66 15.02 37.08
N GLN B 232 18.41 14.22 36.32
CA GLN B 232 19.86 14.17 36.47
C GLN B 232 20.58 15.28 35.72
N PHE B 233 19.94 15.91 34.75
CA PHE B 233 20.57 16.93 33.94
C PHE B 233 19.90 18.28 34.14
N GLN B 234 20.66 19.34 33.92
CA GLN B 234 20.16 20.70 34.09
C GLN B 234 18.99 20.96 33.15
N GLU B 235 18.07 21.81 33.62
CA GLU B 235 16.97 22.26 32.78
C GLU B 235 17.52 22.90 31.50
N GLY B 236 16.97 22.48 30.37
CA GLY B 236 17.48 22.89 29.07
C GLY B 236 18.46 21.94 28.45
N GLU B 237 18.92 20.93 29.18
CA GLU B 237 19.85 19.93 28.66
C GLU B 237 19.20 18.56 28.55
N GLU B 238 17.89 18.53 28.27
CA GLU B 238 17.16 17.27 28.18
C GLU B 238 17.62 16.41 27.00
N TRP B 239 18.33 17.00 26.03
CA TRP B 239 18.80 16.23 24.88
C TRP B 239 19.71 15.08 25.28
N ASN B 240 20.38 15.20 26.44
CA ASN B 240 21.25 14.12 26.91
C ASN B 240 20.51 12.79 27.01
N CYS B 241 19.22 12.81 27.30
CA CYS B 241 18.47 11.60 27.57
C CYS B 241 18.09 10.84 26.30
N PHE B 242 18.43 11.36 25.12
CA PHE B 242 18.24 10.62 23.88
C PHE B 242 19.37 9.64 23.58
N PHE B 243 20.42 9.64 24.40
CA PHE B 243 21.62 8.86 24.12
C PHE B 243 21.72 7.73 25.15
N GLY B 244 21.81 6.49 24.65
CA GLY B 244 21.58 5.33 25.49
C GLY B 244 22.45 5.29 26.74
N TYR B 245 23.75 5.56 26.60
CA TYR B 245 24.64 5.41 27.73
C TYR B 245 24.42 6.46 28.82
N LYS B 246 23.67 7.51 28.52
CA LYS B 246 23.31 8.50 29.54
C LYS B 246 21.97 8.23 30.19
N VAL B 247 21.01 7.68 29.45
CA VAL B 247 19.68 7.44 29.98
C VAL B 247 19.57 6.07 30.65
N TYR B 248 20.40 5.11 30.22
CA TYR B 248 20.32 3.76 30.77
C TYR B 248 20.49 3.68 32.29
N PRO B 249 21.45 4.37 32.93
CA PRO B 249 21.65 4.16 34.37
C PRO B 249 20.44 4.48 35.24
N THR B 250 19.48 5.25 34.75
CA THR B 250 18.31 5.62 35.54
C THR B 250 17.06 4.84 35.15
N LEU B 251 17.15 3.94 34.17
CA LEU B 251 16.00 3.11 33.82
C LEU B 251 15.76 2.06 34.89
N ARG B 252 14.49 1.73 35.09
CA ARG B 252 14.10 0.72 36.07
C ARG B 252 13.61 -0.58 35.46
N SER B 253 12.92 -0.52 34.32
CA SER B 253 12.56 -1.73 33.62
C SER B 253 13.82 -2.40 33.05
N PRO B 254 13.84 -3.74 33.00
CA PRO B 254 14.97 -4.41 32.34
C PRO B 254 14.94 -4.16 30.84
N VAL B 255 16.12 -3.87 30.28
CA VAL B 255 16.26 -3.48 28.89
C VAL B 255 17.40 -4.26 28.27
N PHE B 256 17.14 -4.88 27.13
CA PHE B 256 18.15 -5.60 26.37
C PHE B 256 18.60 -4.73 25.20
N VAL B 257 19.92 -4.61 25.03
CA VAL B 257 20.50 -3.72 24.03
C VAL B 257 21.11 -4.55 22.93
N VAL B 258 20.61 -4.37 21.70
CA VAL B 258 21.20 -4.96 20.50
C VAL B 258 21.78 -3.82 19.68
N GLN B 259 23.05 -3.96 19.29
CA GLN B 259 23.75 -2.85 18.67
C GLN B 259 24.93 -3.38 17.85
N TRP B 260 24.90 -3.15 16.53
CA TRP B 260 26.10 -3.36 15.74
C TRP B 260 27.19 -2.41 16.23
N LEU B 261 28.40 -2.96 16.43
CA LEU B 261 29.49 -2.14 16.93
C LEU B 261 29.83 -1.00 15.98
N PHE B 262 29.61 -1.20 14.68
CA PHE B 262 29.83 -0.18 13.65
C PHE B 262 28.49 0.05 12.94
N ASP B 263 27.60 0.77 13.62
CA ASP B 263 26.27 1.01 13.07
C ASP B 263 26.35 2.01 11.93
N GLU B 264 25.66 1.72 10.83
CA GLU B 264 25.76 2.56 9.64
C GLU B 264 25.09 3.92 9.85
N ALA B 265 24.05 3.98 10.68
CA ALA B 265 23.42 5.27 10.97
C ALA B 265 24.34 6.13 11.84
N GLN B 266 25.08 5.51 12.76
CA GLN B 266 26.04 6.26 13.56
C GLN B 266 27.15 6.85 12.69
N LEU B 267 27.63 6.08 11.71
CA LEU B 267 28.65 6.59 10.81
C LEU B 267 28.10 7.67 9.88
N THR B 268 26.82 7.59 9.54
CA THR B 268 26.23 8.59 8.66
C THR B 268 26.16 9.95 9.34
N VAL B 269 25.66 10.00 10.58
CA VAL B 269 25.60 11.26 11.31
C VAL B 269 26.99 11.76 11.69
N ASP B 270 27.99 10.89 11.67
CA ASP B 270 29.38 11.30 11.85
C ASP B 270 30.02 11.79 10.56
N ASN B 271 29.23 11.94 9.50
CA ASN B 271 29.69 12.45 8.21
C ASN B 271 30.74 11.52 7.59
N VAL B 272 30.50 10.22 7.69
CA VAL B 272 31.34 9.20 7.07
C VAL B 272 30.51 8.51 5.98
N HIS B 273 31.02 8.52 4.76
CA HIS B 273 30.37 7.88 3.62
C HIS B 273 31.34 6.92 2.96
N LEU B 274 31.08 5.62 3.10
CA LEU B 274 31.94 4.58 2.56
C LEU B 274 31.39 4.17 1.20
N THR B 275 32.09 4.57 0.13
CA THR B 275 31.71 4.23 -1.24
C THR B 275 32.49 3.04 -1.78
N GLY B 276 32.77 2.03 -0.97
CA GLY B 276 33.56 0.93 -1.51
C GLY B 276 34.99 1.37 -1.75
N GLN B 277 35.52 2.21 -0.86
CA GLN B 277 36.78 2.89 -1.09
C GLN B 277 37.97 2.03 -0.74
N PRO B 278 39.17 2.48 -1.09
CA PRO B 278 40.36 2.00 -0.38
C PRO B 278 40.47 2.81 0.90
N VAL B 279 40.59 2.11 2.03
CA VAL B 279 40.52 2.78 3.32
C VAL B 279 41.80 3.57 3.58
N GLN B 280 41.64 4.76 4.12
CA GLN B 280 42.78 5.56 4.54
C GLN B 280 43.18 5.16 5.96
N GLU B 281 44.25 5.77 6.47
CA GLU B 281 44.65 5.48 7.85
C GLU B 281 43.84 6.28 8.85
N GLY B 282 43.50 7.53 8.52
CA GLY B 282 42.80 8.37 9.46
C GLY B 282 41.36 7.96 9.66
N LEU B 283 40.71 7.48 8.60
CA LEU B 283 39.35 6.96 8.72
C LEU B 283 39.34 5.55 9.31
N ARG B 284 40.32 4.73 8.98
CA ARG B 284 40.45 3.43 9.65
C ARG B 284 40.60 3.61 11.15
N LEU B 285 41.40 4.59 11.58
CA LEU B 285 41.52 4.89 13.00
C LEU B 285 40.19 5.33 13.59
N TYR B 286 39.48 6.21 12.89
CA TYR B 286 38.19 6.70 13.38
C TYR B 286 37.18 5.57 13.52
N ILE B 287 37.06 4.73 12.49
CA ILE B 287 36.09 3.64 12.53
C ILE B 287 36.43 2.63 13.63
N GLN B 288 37.72 2.32 13.78
CA GLN B 288 38.13 1.34 14.79
C GLN B 288 37.88 1.86 16.20
N ASN B 289 38.15 3.15 16.43
CA ASN B 289 38.00 3.70 17.77
C ASN B 289 36.53 3.90 18.16
N LEU B 290 35.64 4.09 17.18
CA LEU B 290 34.22 4.18 17.49
C LEU B 290 33.75 2.92 18.20
N GLY B 291 34.10 1.75 17.65
CA GLY B 291 33.76 0.51 18.30
C GLY B 291 34.40 0.35 19.66
N ARG B 292 35.57 0.97 19.85
CA ARG B 292 36.28 0.85 21.13
C ARG B 292 35.51 1.57 22.24
N GLU B 293 35.06 2.80 21.97
CA GLU B 293 34.26 3.54 22.93
C GLU B 293 32.85 2.96 23.06
N LEU B 294 32.28 2.43 21.96
CA LEU B 294 30.96 1.84 22.05
C LEU B 294 30.98 0.56 22.88
N ARG B 295 32.05 -0.22 22.76
CA ARG B 295 32.24 -1.36 23.65
C ARG B 295 32.39 -0.90 25.10
N HIS B 296 33.00 0.27 25.32
CA HIS B 296 33.21 0.76 26.67
C HIS B 296 31.89 1.13 27.33
N THR B 297 30.97 1.73 26.58
CA THR B 297 29.68 2.11 27.15
C THR B 297 28.80 0.91 27.46
N LEU B 298 29.11 -0.27 26.93
CA LEU B 298 28.28 -1.46 27.11
C LEU B 298 28.81 -2.42 28.17
N LYS B 299 30.00 -2.17 28.73
CA LYS B 299 30.59 -3.13 29.66
C LYS B 299 29.83 -3.22 30.97
N ASP B 300 28.99 -2.23 31.29
CA ASP B 300 28.14 -2.27 32.47
C ASP B 300 26.68 -2.51 32.12
N VAL B 301 26.41 -2.99 30.91
CA VAL B 301 25.06 -3.37 30.50
C VAL B 301 24.98 -4.89 30.52
N PRO B 302 24.32 -5.48 31.53
CA PRO B 302 24.38 -6.95 31.68
C PRO B 302 23.75 -7.71 30.53
N ALA B 303 22.63 -7.25 29.98
CA ALA B 303 21.93 -7.92 28.89
C ALA B 303 22.16 -7.14 27.61
N SER B 304 23.15 -7.57 26.82
CA SER B 304 23.48 -6.89 25.58
C SER B 304 23.98 -7.90 24.56
N PHE B 305 23.91 -7.50 23.29
CA PHE B 305 24.30 -8.35 22.17
C PHE B 305 24.86 -7.43 21.08
N ALA B 306 26.18 -7.43 20.92
CA ALA B 306 26.87 -6.46 20.07
C ALA B 306 27.90 -7.13 19.18
N PRO B 307 27.51 -7.54 17.98
CA PRO B 307 28.47 -8.08 17.03
C PRO B 307 29.29 -6.98 16.35
N ALA B 308 30.47 -7.38 15.89
CA ALA B 308 31.41 -6.44 15.25
C ALA B 308 31.19 -6.46 13.73
N CYS B 309 30.04 -5.94 13.32
CA CYS B 309 29.69 -5.84 11.91
C CYS B 309 29.40 -4.39 11.54
N LEU B 310 29.34 -4.15 10.24
CA LEU B 310 28.96 -2.85 9.68
C LEU B 310 27.58 -3.03 9.06
N SER B 311 26.54 -2.82 9.86
CA SER B 311 25.17 -3.05 9.43
C SER B 311 24.25 -2.09 10.17
N HIS B 312 22.95 -2.27 9.98
CA HIS B 312 21.95 -1.41 10.62
C HIS B 312 20.65 -2.19 10.75
N GLU B 313 20.16 -2.30 11.98
CA GLU B 313 18.88 -2.95 12.30
C GLU B 313 18.92 -4.47 12.16
N ILE B 314 18.04 -5.14 12.91
CA ILE B 314 17.85 -6.58 12.87
C ILE B 314 16.52 -6.83 13.58
N ILE B 315 16.45 -7.87 14.43
CA ILE B 315 15.25 -8.40 15.10
C ILE B 315 13.96 -8.44 14.27
N ILE B 316 13.84 -7.61 13.23
CA ILE B 316 12.71 -7.73 12.30
C ILE B 316 13.16 -8.18 10.92
N ARG B 317 14.43 -8.57 10.77
CA ARG B 317 14.90 -9.21 9.56
C ARG B 317 14.76 -10.71 9.68
N SER B 318 14.39 -11.37 8.58
CA SER B 318 14.12 -12.80 8.62
C SER B 318 15.35 -13.61 9.00
N HIS B 319 16.55 -13.08 8.74
CA HIS B 319 17.79 -13.79 8.99
C HIS B 319 18.39 -13.46 10.36
N TRP B 320 17.59 -12.99 11.31
CA TRP B 320 18.12 -12.69 12.64
C TRP B 320 18.47 -13.96 13.41
N THR B 321 17.97 -15.12 12.99
CA THR B 321 18.31 -16.38 13.63
C THR B 321 19.72 -16.86 13.30
N ASP B 322 20.39 -16.21 12.34
CA ASP B 322 21.68 -16.67 11.86
C ASP B 322 22.86 -15.92 12.46
N VAL B 323 22.63 -14.79 13.13
CA VAL B 323 23.71 -14.00 13.71
C VAL B 323 24.11 -14.62 15.04
N GLN B 324 25.42 -14.77 15.24
CA GLN B 324 25.95 -15.39 16.46
C GLN B 324 27.12 -14.57 16.98
N VAL B 325 27.23 -14.49 18.30
CA VAL B 325 28.36 -13.89 18.98
C VAL B 325 28.86 -14.90 20.00
N LYS B 326 30.09 -15.39 19.81
CA LYS B 326 30.69 -16.39 20.68
C LYS B 326 29.82 -17.65 20.76
N GLY B 327 29.33 -18.11 19.61
CA GLY B 327 28.62 -19.36 19.47
C GLY B 327 27.16 -19.37 19.91
N THR B 328 26.60 -18.24 20.31
CA THR B 328 25.20 -18.17 20.74
C THR B 328 24.45 -17.17 19.87
N SER B 329 23.32 -17.58 19.32
CA SER B 329 22.54 -16.77 18.42
C SER B 329 21.77 -15.69 19.17
N LEU B 330 21.20 -14.74 18.41
CA LEU B 330 20.41 -13.68 19.02
C LEU B 330 19.10 -14.18 19.62
N PRO B 331 18.31 -15.02 18.93
CA PRO B 331 17.13 -15.59 19.60
C PRO B 331 17.49 -16.39 20.84
N ARG B 332 18.64 -17.07 20.84
CA ARG B 332 19.07 -17.80 22.02
C ARG B 332 19.35 -16.84 23.19
N ALA B 333 20.07 -15.75 22.91
CA ALA B 333 20.43 -14.80 23.96
C ALA B 333 19.19 -14.19 24.59
N LEU B 334 18.18 -13.86 23.77
CA LEU B 334 16.95 -13.30 24.32
C LEU B 334 16.21 -14.31 25.18
N HIS B 335 16.30 -15.61 24.84
CA HIS B 335 15.67 -16.63 25.66
C HIS B 335 16.35 -16.74 27.02
N CYS B 336 17.69 -16.66 27.05
CA CYS B 336 18.40 -16.70 28.32
C CYS B 336 18.06 -15.50 29.18
N TRP B 337 17.93 -14.33 28.56
CA TRP B 337 17.52 -13.14 29.28
C TRP B 337 16.11 -13.28 29.84
N ASP B 338 15.21 -13.90 29.06
CA ASP B 338 13.85 -14.14 29.53
C ASP B 338 13.85 -15.04 30.75
N ARG B 339 14.59 -16.16 30.69
CA ARG B 339 14.62 -17.08 31.81
C ARG B 339 15.35 -16.51 33.03
N SER B 340 16.31 -15.61 32.80
CA SER B 340 17.05 -15.02 33.90
C SER B 340 16.21 -14.09 34.75
N LEU B 341 15.07 -13.63 34.24
CA LEU B 341 14.21 -12.72 34.98
C LEU B 341 13.13 -13.47 35.76
N CYS B 355 23.89 -20.43 29.41
CA CYS B 355 22.86 -19.57 28.84
C CYS B 355 23.21 -18.11 29.09
N PRO B 356 24.21 -17.59 28.39
CA PRO B 356 24.70 -16.24 28.68
C PRO B 356 23.81 -15.16 28.07
N VAL B 357 23.93 -13.96 28.64
CA VAL B 357 23.13 -12.83 28.18
C VAL B 357 24.01 -11.64 27.82
N HIS B 358 25.27 -11.66 28.23
CA HIS B 358 26.21 -10.57 27.95
C HIS B 358 27.16 -11.05 26.85
N LEU B 359 26.88 -10.65 25.61
CA LEU B 359 27.60 -11.16 24.44
C LEU B 359 28.07 -9.98 23.59
N VAL B 360 29.31 -9.54 23.83
CA VAL B 360 29.91 -8.45 23.08
C VAL B 360 31.19 -8.97 22.44
N ASP B 361 31.39 -8.62 21.16
CA ASP B 361 32.59 -9.04 20.45
C ASP B 361 33.80 -8.31 20.99
N SER B 362 34.93 -9.01 21.08
CA SER B 362 36.16 -8.44 21.61
C SER B 362 36.99 -7.74 20.53
N CYS B 363 36.80 -8.10 19.27
CA CYS B 363 37.61 -7.56 18.18
C CYS B 363 37.16 -6.14 17.84
N PRO B 364 38.08 -5.18 17.76
CA PRO B 364 37.71 -3.78 17.56
C PRO B 364 37.52 -3.35 16.12
N TRP B 365 37.76 -4.22 15.15
CA TRP B 365 37.74 -3.99 13.72
C TRP B 365 36.49 -4.58 13.07
N PRO B 366 36.03 -3.96 11.98
CA PRO B 366 34.78 -4.39 11.35
C PRO B 366 34.87 -5.75 10.66
N HIS B 367 33.72 -6.43 10.65
CA HIS B 367 33.55 -7.69 9.94
C HIS B 367 34.49 -8.79 10.42
N CYS B 368 34.85 -8.76 11.71
CA CYS B 368 35.60 -9.87 12.29
C CYS B 368 34.70 -11.04 12.67
N ASN B 369 33.40 -10.80 12.84
CA ASN B 369 32.46 -11.88 13.13
C ASN B 369 32.08 -12.60 11.84
N PRO B 370 32.29 -13.91 11.74
CA PRO B 370 32.01 -14.60 10.47
C PRO B 370 30.53 -14.64 10.10
N SER B 371 29.62 -14.36 11.03
CA SER B 371 28.19 -14.45 10.78
C SER B 371 27.56 -13.10 10.46
N CYS B 372 28.36 -12.12 10.04
CA CYS B 372 27.81 -10.81 9.72
C CYS B 372 26.96 -10.89 8.46
N PRO B 373 25.93 -10.04 8.35
CA PRO B 373 25.08 -10.07 7.15
C PRO B 373 25.82 -9.54 5.93
N THR B 374 25.25 -9.82 4.77
CA THR B 374 25.80 -9.34 3.51
C THR B 374 24.74 -8.58 2.70
C1 NAG C . -22.36 -16.36 -0.49
C2 NAG C . -23.80 -16.69 -0.87
C3 NAG C . -23.89 -18.13 -1.40
C4 NAG C . -22.88 -18.36 -2.51
C5 NAG C . -21.48 -17.98 -2.04
C6 NAG C . -20.44 -18.08 -3.13
C7 NAG C . -25.22 -15.33 0.60
C8 NAG C . -26.12 -15.32 1.79
N2 NAG C . -24.70 -16.51 0.25
O3 NAG C . -25.21 -18.37 -1.87
O4 NAG C . -22.88 -19.73 -2.90
O5 NAG C . -21.49 -16.60 -1.60
O6 NAG C . -20.98 -18.60 -4.33
O7 NAG C . -24.97 -14.30 -0.03
C01 K4Q D . -10.80 -8.52 -25.71
C02 K4Q D . -10.05 -8.61 -24.39
C03 K4Q D . -8.87 -7.65 -24.32
C04 K4Q D . -8.61 -7.16 -22.89
C05 K4Q D . -7.42 -6.22 -22.79
C06 K4Q D . -7.35 -5.54 -21.43
C07 K4Q D . -6.19 -4.56 -21.28
C08 K4Q D . -6.22 -3.86 -19.93
C11 K4Q D . -5.11 -2.66 -18.26
C12 K4Q D . -4.42 -1.33 -17.99
C14 K4Q D . -4.61 -0.94 -16.52
N13 K4Q D . -3.00 -1.46 -18.27
O09 K4Q D . -7.00 -4.21 -19.10
O10 K4Q D . -5.32 -2.82 -19.63
O15 K4Q D . -5.66 -0.53 -16.16
C1 NAG E . -7.93 12.28 23.29
C2 NAG E . -8.14 12.26 24.81
C3 NAG E . -7.99 13.66 25.39
C4 NAG E . -6.68 14.28 24.95
C5 NAG E . -6.56 14.25 23.44
C6 NAG E . -5.24 14.78 22.92
C7 NAG E . -9.59 10.61 25.91
C8 NAG E . -11.01 10.17 26.15
N2 NAG E . -9.43 11.69 25.14
O3 NAG E . -8.05 13.59 26.81
O4 NAG E . -6.62 15.64 25.39
O5 NAG E . -6.67 12.89 22.99
O6 NAG E . -4.19 13.84 23.12
O7 NAG E . -8.63 10.01 26.39
C01 K4Q F . 20.33 9.83 18.86
C02 K4Q F . 19.20 9.64 17.84
C03 K4Q F . 19.70 9.03 16.54
C04 K4Q F . 18.56 8.38 15.74
C05 K4Q F . 19.06 7.67 14.48
C06 K4Q F . 17.90 7.12 13.65
C07 K4Q F . 18.36 6.12 12.58
C08 K4Q F . 17.16 5.46 11.89
O09 K4Q F . 16.06 5.76 12.19
O10 K4Q F . 17.39 4.50 10.89
C1 EDO G . 10.31 7.36 34.59
O1 EDO G . 11.61 7.71 34.08
C2 EDO G . 9.29 7.37 33.46
O2 EDO G . 9.21 8.69 32.90
C1 EDO H . 18.89 -0.22 33.64
O1 EDO H . 19.46 0.26 34.86
C2 EDO H . 17.96 -1.39 33.94
O2 EDO H . 17.64 -2.08 32.73
#